data_6WHZ
#
_entry.id   6WHZ
#
_cell.length_a   92.477
_cell.length_b   94.802
_cell.length_c   138.813
_cell.angle_alpha   90.000
_cell.angle_beta   90.000
_cell.angle_gamma   90.000
#
_symmetry.space_group_name_H-M   'P 21 21 21'
#
loop_
_entity.id
_entity.type
_entity.pdbx_description
1 polymer 'Histone deacetylase 2'
2 polymer 'U2M-ASN-HYP-LYS-GLN-DLY-TRP-GLY peptide macrocycle'
3 non-polymer 'ZINC ION'
4 non-polymer 'SODIUM ION'
5 non-polymer 'TRIETHYLENE GLYCOL'
6 non-polymer 'TETRAETHYLENE GLYCOL'
7 water water
#
loop_
_entity_poly.entity_id
_entity_poly.type
_entity_poly.pdbx_seq_one_letter_code
_entity_poly.pdbx_strand_id
1 'polypeptide(L)'
;AAYSQGGGKKKVCYYYDGDIGNYYYGQGHPMKPHRIRMTHNLLLNYGLYRKMEIYRPHKATAEEMTKYHSDEYIKFLRSI
RPDNMSEYSKQMQRFNVGEDCPVFDGLFEFCQLSTGGSVAGAVKLNRQQTDMAVNWAGGLHHAKKSEASGFCYVNDIVLA
ILELLKYHQRVLYIDIDIHHGDGVEEAFYTTDRVMTVSFHKYGEYFPGTGDLRDIGAGKGKYYAVNFPMRDGIDDESYGQ
IFKPIISKVMEMYQPSAVVLQCGADSLSGDRLGCFNLTVKGHAKCVEVVKTFNLPLLMLGGGGYTIRNVARCWTYETAVA
LDCEIPNELPYNDYFEYFGPDFKLHISPSNMTNQNTPEYMEKIKQRLFENLRMLPHAPGVQMQAI
;
A,B,C
2 'polypeptide(L)' (U2M)N(HYP)KQ(DLY)WG D,F,G
#
loop_
_chem_comp.id
_chem_comp.type
_chem_comp.name
_chem_comp.formula
NA non-polymer 'SODIUM ION' 'Na 1'
PG4 non-polymer 'TETRAETHYLENE GLYCOL' 'C8 H18 O5'
PGE non-polymer 'TRIETHYLENE GLYCOL' 'C6 H14 O4'
ZN non-polymer 'ZINC ION' 'Zn 2'
#
# COMPACT_ATOMS: atom_id res chain seq x y z
N TYR A 3 23.91 41.28 3.01
CA TYR A 3 23.67 40.13 2.13
C TYR A 3 22.17 39.89 1.93
N SER A 4 21.83 39.29 0.80
CA SER A 4 20.43 38.98 0.50
C SER A 4 20.39 37.84 -0.52
N GLN A 5 19.40 37.88 -1.42
CA GLN A 5 19.29 36.95 -2.53
C GLN A 5 19.06 35.51 -2.08
N GLY A 6 18.84 34.60 -3.04
CA GLY A 6 18.57 33.21 -2.73
C GLY A 6 19.64 32.36 -3.38
N GLY A 7 19.37 31.79 -4.56
CA GLY A 7 20.33 30.90 -5.21
C GLY A 7 20.29 31.13 -6.73
N GLY A 8 21.48 31.17 -7.34
CA GLY A 8 21.59 31.30 -8.78
C GLY A 8 22.38 30.16 -9.39
N LYS A 9 23.52 30.48 -10.01
CA LYS A 9 24.41 29.46 -10.55
C LYS A 9 25.45 29.08 -9.51
N LYS A 10 25.81 27.79 -9.49
CA LYS A 10 26.63 27.24 -8.43
C LYS A 10 28.06 26.98 -8.91
N LYS A 11 28.99 26.99 -7.96
CA LYS A 11 30.39 26.67 -8.21
C LYS A 11 30.64 25.21 -7.90
N VAL A 12 31.33 24.52 -8.81
CA VAL A 12 31.54 23.08 -8.71
C VAL A 12 33.03 22.79 -8.71
N CYS A 13 33.45 21.83 -7.89
CA CYS A 13 34.83 21.35 -7.86
C CYS A 13 34.83 19.86 -8.19
N TYR A 14 35.54 19.51 -9.24
CA TYR A 14 35.57 18.14 -9.75
C TYR A 14 36.87 17.46 -9.39
N TYR A 15 36.77 16.20 -8.94
CA TYR A 15 37.92 15.43 -8.51
C TYR A 15 38.08 14.20 -9.40
N TYR A 16 39.30 13.99 -9.89
CA TYR A 16 39.59 12.89 -10.80
C TYR A 16 41.09 12.63 -10.79
N ASP A 17 41.46 11.36 -10.90
CA ASP A 17 42.85 10.94 -11.01
C ASP A 17 43.00 10.05 -12.24
N GLY A 18 44.02 10.31 -13.05
CA GLY A 18 44.18 9.58 -14.29
C GLY A 18 44.42 8.10 -14.09
N ASP A 19 44.99 7.72 -12.94
CA ASP A 19 45.31 6.33 -12.67
C ASP A 19 44.09 5.49 -12.31
N ILE A 20 42.92 6.12 -12.11
CA ILE A 20 41.74 5.38 -11.65
C ILE A 20 41.20 4.45 -12.72
N GLY A 21 41.51 4.68 -13.99
CA GLY A 21 40.94 3.87 -15.06
C GLY A 21 41.63 2.54 -15.28
N ASN A 22 42.88 2.42 -14.87
CA ASN A 22 43.66 1.21 -15.11
C ASN A 22 43.43 0.14 -14.06
N TYR A 23 42.76 0.46 -12.95
CA TYR A 23 42.51 -0.54 -11.92
C TYR A 23 41.49 -1.56 -12.42
N TYR A 24 41.79 -2.84 -12.23
CA TYR A 24 41.03 -3.94 -12.80
C TYR A 24 40.62 -4.88 -11.68
N TYR A 25 39.32 -5.11 -11.55
CA TYR A 25 38.82 -5.95 -10.45
C TYR A 25 39.11 -7.42 -10.71
N GLY A 26 38.71 -7.93 -11.87
CA GLY A 26 38.99 -9.31 -12.20
C GLY A 26 38.31 -9.70 -13.49
N GLN A 27 38.69 -10.88 -13.98
CA GLN A 27 38.11 -11.42 -15.20
C GLN A 27 36.61 -11.62 -15.02
N GLY A 28 35.82 -10.97 -15.87
CA GLY A 28 34.38 -11.07 -15.80
C GLY A 28 33.74 -10.38 -14.62
N HIS A 29 34.50 -9.64 -13.81
CA HIS A 29 33.92 -8.91 -12.69
C HIS A 29 33.15 -7.71 -13.22
N PRO A 30 31.93 -7.46 -12.73
CA PRO A 30 31.13 -6.36 -13.31
C PRO A 30 31.63 -4.98 -12.91
N MET A 31 32.28 -4.85 -11.76
CA MET A 31 32.77 -3.54 -11.30
C MET A 31 34.02 -3.19 -12.08
N LYS A 32 33.91 -2.19 -12.95
CA LYS A 32 35.02 -1.78 -13.80
C LYS A 32 35.36 -0.32 -13.54
N PRO A 33 36.44 -0.04 -12.80
CA PRO A 33 36.83 1.37 -12.56
C PRO A 33 37.13 2.14 -13.83
N HIS A 34 37.28 1.46 -14.97
CA HIS A 34 37.47 2.14 -16.24
C HIS A 34 36.31 3.06 -16.58
N ARG A 35 35.12 2.82 -16.02
CA ARG A 35 33.96 3.63 -16.35
C ARG A 35 34.12 5.08 -15.88
N ILE A 36 34.94 5.30 -14.85
CA ILE A 36 35.16 6.67 -14.37
C ILE A 36 35.95 7.47 -15.39
N ARG A 37 36.96 6.85 -16.00
CA ARG A 37 37.73 7.54 -17.05
C ARG A 37 36.86 7.82 -18.27
N MET A 38 35.95 6.90 -18.60
CA MET A 38 34.98 7.17 -19.66
C MET A 38 34.13 8.39 -19.31
N THR A 39 33.67 8.48 -18.06
CA THR A 39 32.88 9.63 -17.64
C THR A 39 33.68 10.91 -17.72
N HIS A 40 34.93 10.88 -17.24
CA HIS A 40 35.75 12.08 -17.26
C HIS A 40 36.09 12.49 -18.68
N ASN A 41 36.43 11.52 -19.54
CA ASN A 41 36.76 11.85 -20.92
C ASN A 41 35.57 12.44 -21.65
N LEU A 42 34.37 11.92 -21.39
CA LEU A 42 33.17 12.47 -22.01
C LEU A 42 32.89 13.88 -21.54
N LEU A 43 33.21 14.19 -20.27
CA LEU A 43 33.05 15.56 -19.78
C LEU A 43 33.97 16.53 -20.51
N LEU A 44 35.22 16.13 -20.73
CA LEU A 44 36.16 17.01 -21.41
C LEU A 44 35.73 17.32 -22.82
N ASN A 45 35.28 16.31 -23.56
CA ASN A 45 34.87 16.52 -24.95
C ASN A 45 33.60 17.36 -25.05
N TYR A 46 32.82 17.45 -23.96
CA TYR A 46 31.67 18.34 -23.94
C TYR A 46 32.05 19.76 -23.56
N GLY A 47 33.33 20.04 -23.33
CA GLY A 47 33.75 21.39 -22.98
C GLY A 47 33.33 21.84 -21.60
N LEU A 48 32.94 20.91 -20.72
CA LEU A 48 32.52 21.26 -19.38
C LEU A 48 33.68 21.60 -18.45
N TYR A 49 34.92 21.39 -18.91
CA TYR A 49 36.08 21.77 -18.10
C TYR A 49 36.23 23.29 -18.01
N ARG A 50 35.58 24.05 -18.89
CA ARG A 50 35.64 25.49 -18.86
C ARG A 50 34.78 26.11 -17.78
N LYS A 51 33.80 25.37 -17.26
CA LYS A 51 32.83 25.88 -16.31
C LYS A 51 33.01 25.32 -14.90
N MET A 52 34.09 24.58 -14.65
CA MET A 52 34.29 23.98 -13.34
C MET A 52 35.79 23.93 -13.03
N GLU A 53 36.11 23.82 -11.75
CA GLU A 53 37.48 23.69 -11.28
C GLU A 53 37.80 22.21 -11.07
N ILE A 54 38.73 21.69 -11.84
CA ILE A 54 39.12 20.29 -11.77
C ILE A 54 40.32 20.16 -10.83
N TYR A 55 40.18 19.27 -9.84
CA TYR A 55 41.25 18.98 -8.91
C TYR A 55 41.64 17.50 -9.03
N ARG A 56 42.82 17.17 -8.51
CA ARG A 56 43.27 15.79 -8.43
C ARG A 56 43.32 15.37 -6.98
N PRO A 57 42.56 14.35 -6.59
CA PRO A 57 42.52 13.97 -5.16
C PRO A 57 43.81 13.30 -4.72
N HIS A 58 44.17 13.56 -3.46
CA HIS A 58 45.33 12.91 -2.88
C HIS A 58 44.98 11.48 -2.48
N LYS A 59 46.02 10.64 -2.37
CA LYS A 59 45.84 9.28 -1.89
C LYS A 59 45.63 9.33 -0.38
N ALA A 60 44.41 9.08 0.06
CA ALA A 60 44.07 9.19 1.48
C ALA A 60 44.89 8.19 2.28
N THR A 61 45.62 8.70 3.28
CA THR A 61 46.48 7.85 4.08
C THR A 61 45.67 6.95 5.01
N ALA A 62 46.35 5.96 5.59
CA ALA A 62 45.67 5.01 6.47
C ALA A 62 45.15 5.68 7.73
N GLU A 63 45.79 6.77 8.16
CA GLU A 63 45.33 7.45 9.37
C GLU A 63 43.96 8.10 9.14
N GLU A 64 43.73 8.65 7.94
CA GLU A 64 42.42 9.21 7.64
C GLU A 64 41.36 8.13 7.52
N MET A 65 41.74 6.93 7.07
CA MET A 65 40.77 5.85 6.94
C MET A 65 40.38 5.28 8.29
N THR A 66 41.31 5.22 9.24
CA THR A 66 41.00 4.70 10.57
C THR A 66 40.11 5.62 11.38
N LYS A 67 39.71 6.78 10.85
CA LYS A 67 38.76 7.62 11.55
C LYS A 67 37.42 6.92 11.74
N TYR A 68 37.09 5.97 10.87
CA TYR A 68 35.92 5.13 11.00
C TYR A 68 36.24 3.64 11.03
N HIS A 69 37.15 3.19 10.17
CA HIS A 69 37.50 1.78 10.12
C HIS A 69 38.45 1.42 11.27
N SER A 70 38.62 0.12 11.48
CA SER A 70 39.51 -0.40 12.50
C SER A 70 40.91 -0.65 11.94
N ASP A 71 41.89 -0.63 12.85
CA ASP A 71 43.27 -0.81 12.43
C ASP A 71 43.52 -2.20 11.86
N GLU A 72 42.81 -3.21 12.37
CA GLU A 72 42.99 -4.57 11.87
C GLU A 72 42.58 -4.68 10.40
N TYR A 73 41.53 -3.95 10.01
CA TYR A 73 41.04 -4.04 8.64
C TYR A 73 41.86 -3.15 7.70
N ILE A 74 42.30 -2.00 8.17
CA ILE A 74 43.07 -1.09 7.31
C ILE A 74 44.46 -1.65 7.05
N LYS A 75 45.14 -2.12 8.10
CA LYS A 75 46.45 -2.73 7.91
C LYS A 75 46.37 -3.97 7.02
N PHE A 76 45.24 -4.67 7.05
CA PHE A 76 45.06 -5.82 6.16
C PHE A 76 45.02 -5.37 4.71
N LEU A 77 44.33 -4.27 4.41
CA LEU A 77 44.23 -3.82 3.03
C LEU A 77 45.56 -3.30 2.51
N ARG A 78 46.39 -2.74 3.38
CA ARG A 78 47.71 -2.28 2.94
C ARG A 78 48.61 -3.45 2.57
N SER A 79 48.41 -4.61 3.19
CA SER A 79 49.31 -5.74 3.04
C SER A 79 48.85 -6.77 2.02
N ILE A 80 47.53 -6.87 1.78
CA ILE A 80 47.03 -7.94 0.91
C ILE A 80 47.36 -7.61 -0.53
N ARG A 81 47.95 -8.58 -1.23
CA ARG A 81 48.32 -8.47 -2.62
C ARG A 81 48.01 -9.79 -3.30
N PRO A 82 47.83 -9.80 -4.63
CA PRO A 82 47.49 -11.05 -5.32
C PRO A 82 48.56 -12.13 -5.22
N ASP A 83 49.80 -11.80 -4.84
CA ASP A 83 50.86 -12.79 -4.79
C ASP A 83 51.00 -13.46 -3.43
N ASN A 84 50.43 -12.89 -2.37
CA ASN A 84 50.52 -13.46 -1.04
C ASN A 84 49.13 -13.64 -0.43
N MET A 85 48.16 -14.05 -1.25
CA MET A 85 46.82 -14.28 -0.74
C MET A 85 46.74 -15.54 0.11
N SER A 86 47.52 -16.57 -0.23
CA SER A 86 47.46 -17.83 0.48
C SER A 86 47.88 -17.68 1.93
N GLU A 87 48.87 -16.81 2.19
CA GLU A 87 49.29 -16.57 3.58
C GLU A 87 48.20 -15.87 4.38
N TYR A 88 47.38 -15.05 3.71
CA TYR A 88 46.29 -14.32 4.35
C TYR A 88 44.93 -14.98 4.13
N SER A 89 44.93 -16.30 3.90
CA SER A 89 43.69 -16.99 3.55
C SER A 89 42.65 -16.86 4.65
N LYS A 90 43.06 -17.06 5.91
CA LYS A 90 42.11 -16.93 7.02
C LYS A 90 41.68 -15.48 7.21
N GLN A 91 42.62 -14.54 7.07
CA GLN A 91 42.28 -13.13 7.25
C GLN A 91 41.51 -12.55 6.07
N MET A 92 41.61 -13.17 4.89
CA MET A 92 40.75 -12.75 3.78
C MET A 92 39.29 -13.05 4.08
N GLN A 93 39.02 -14.18 4.72
CA GLN A 93 37.63 -14.56 4.97
C GLN A 93 37.01 -13.74 6.09
N ARG A 94 37.81 -13.32 7.08
CA ARG A 94 37.27 -12.55 8.19
C ARG A 94 36.77 -11.18 7.73
N PHE A 95 37.49 -10.56 6.80
CA PHE A 95 37.16 -9.23 6.31
C PHE A 95 36.33 -9.27 5.03
N ASN A 96 35.78 -10.44 4.66
CA ASN A 96 34.94 -10.59 3.48
C ASN A 96 35.67 -10.08 2.24
N VAL A 97 36.97 -10.39 2.15
CA VAL A 97 37.79 -10.00 1.01
C VAL A 97 38.14 -11.28 0.26
N GLY A 98 37.56 -11.45 -0.92
CA GLY A 98 37.82 -12.64 -1.70
C GLY A 98 36.83 -12.86 -2.83
N GLU A 99 35.53 -12.88 -2.51
CA GLU A 99 34.51 -13.19 -3.51
C GLU A 99 34.09 -11.94 -4.27
N ASP A 100 33.03 -11.28 -3.79
CA ASP A 100 32.60 -10.03 -4.41
C ASP A 100 33.64 -8.93 -4.32
N CYS A 101 34.53 -9.00 -3.34
CA CYS A 101 35.57 -8.01 -3.18
C CYS A 101 36.93 -8.68 -3.41
N PRO A 102 37.29 -8.95 -4.66
CA PRO A 102 38.52 -9.72 -4.92
C PRO A 102 39.77 -8.91 -4.62
N VAL A 103 40.90 -9.59 -4.70
CA VAL A 103 42.21 -8.98 -4.48
C VAL A 103 42.87 -8.79 -5.83
N PHE A 104 43.16 -7.55 -6.20
CA PHE A 104 43.82 -7.24 -7.45
C PHE A 104 45.00 -6.31 -7.20
N ASP A 105 45.75 -6.02 -8.26
CA ASP A 105 46.95 -5.21 -8.14
C ASP A 105 46.59 -3.77 -7.80
N GLY A 106 47.36 -3.19 -6.88
CA GLY A 106 47.12 -1.81 -6.47
C GLY A 106 45.77 -1.58 -5.84
N LEU A 107 45.25 -2.56 -5.10
CA LEU A 107 43.91 -2.43 -4.53
C LEU A 107 43.85 -1.31 -3.50
N PHE A 108 44.87 -1.20 -2.65
CA PHE A 108 44.84 -0.17 -1.61
C PHE A 108 44.94 1.22 -2.20
N GLU A 109 45.69 1.39 -3.30
CA GLU A 109 45.76 2.69 -3.96
C GLU A 109 44.42 3.07 -4.56
N PHE A 110 43.64 2.10 -5.04
CA PHE A 110 42.31 2.39 -5.56
C PHE A 110 41.39 2.90 -4.44
N CYS A 111 41.52 2.35 -3.24
CA CYS A 111 40.76 2.87 -2.11
C CYS A 111 41.23 4.26 -1.72
N GLN A 112 42.53 4.54 -1.86
CA GLN A 112 43.05 5.86 -1.51
C GLN A 112 42.56 6.93 -2.45
N LEU A 113 42.44 6.60 -3.74
CA LEU A 113 41.94 7.58 -4.71
C LEU A 113 40.45 7.83 -4.51
N SER A 114 39.68 6.77 -4.25
CA SER A 114 38.24 6.93 -4.06
C SER A 114 37.93 7.77 -2.83
N THR A 115 38.43 7.34 -1.66
CA THR A 115 38.17 8.09 -0.44
C THR A 115 38.90 9.43 -0.42
N GLY A 116 39.95 9.59 -1.22
CA GLY A 116 40.66 10.85 -1.26
C GLY A 116 39.80 11.97 -1.82
N GLY A 117 39.09 11.70 -2.92
CA GLY A 117 38.22 12.71 -3.50
C GLY A 117 37.06 13.10 -2.61
N SER A 118 36.59 12.17 -1.77
CA SER A 118 35.48 12.49 -0.89
C SER A 118 35.92 13.32 0.31
N VAL A 119 37.09 13.01 0.87
CA VAL A 119 37.56 13.81 2.00
C VAL A 119 38.11 15.15 1.53
N ALA A 120 38.69 15.20 0.32
CA ALA A 120 39.16 16.48 -0.22
C ALA A 120 37.98 17.39 -0.53
N GLY A 121 36.92 16.84 -1.10
CA GLY A 121 35.70 17.61 -1.29
C GLY A 121 34.99 17.95 0.00
N ALA A 122 35.22 17.18 1.06
CA ALA A 122 34.61 17.49 2.35
C ALA A 122 35.26 18.72 2.98
N VAL A 123 36.60 18.77 2.99
CA VAL A 123 37.28 19.94 3.54
C VAL A 123 37.09 21.14 2.62
N LYS A 124 36.88 20.91 1.33
CA LYS A 124 36.61 22.02 0.41
C LYS A 124 35.26 22.66 0.74
N LEU A 125 34.26 21.85 1.08
CA LEU A 125 32.97 22.39 1.49
C LEU A 125 33.06 23.05 2.86
N ASN A 126 33.82 22.43 3.78
CA ASN A 126 33.96 23.01 5.12
C ASN A 126 34.63 24.37 5.07
N ARG A 127 35.57 24.56 4.15
CA ARG A 127 36.24 25.84 3.98
C ARG A 127 35.40 26.83 3.20
N GLN A 128 34.17 26.45 2.82
CA GLN A 128 33.22 27.35 2.15
C GLN A 128 33.80 27.91 0.85
N GLN A 129 34.52 27.05 0.12
CA GLN A 129 35.15 27.45 -1.14
C GLN A 129 34.49 26.81 -2.35
N THR A 130 33.29 26.24 -2.19
CA THR A 130 32.55 25.68 -3.31
C THR A 130 31.14 25.35 -2.84
N ASP A 131 30.24 25.14 -3.80
CA ASP A 131 28.89 24.67 -3.54
C ASP A 131 28.83 23.15 -3.57
N MET A 132 29.27 22.55 -4.66
CA MET A 132 29.22 21.11 -4.87
C MET A 132 30.60 20.57 -5.15
N ALA A 133 30.91 19.43 -4.53
CA ALA A 133 32.14 18.69 -4.81
C ALA A 133 31.75 17.37 -5.46
N VAL A 134 32.32 17.10 -6.63
CA VAL A 134 31.98 15.92 -7.41
C VAL A 134 33.15 14.94 -7.35
N ASN A 135 32.86 13.70 -6.95
CA ASN A 135 33.85 12.61 -6.92
C ASN A 135 33.16 11.35 -7.40
N TRP A 136 33.18 11.14 -8.72
CA TRP A 136 32.56 9.93 -9.28
C TRP A 136 33.35 8.67 -8.94
N ALA A 137 34.59 8.79 -8.47
CA ALA A 137 35.34 7.64 -8.00
C ALA A 137 34.86 7.16 -6.63
N GLY A 138 34.11 7.97 -5.91
CA GLY A 138 33.56 7.60 -4.63
C GLY A 138 32.16 7.03 -4.75
N GLY A 139 31.39 7.15 -3.67
CA GLY A 139 30.06 6.59 -3.61
C GLY A 139 29.99 5.15 -3.13
N LEU A 140 31.12 4.54 -2.82
CA LEU A 140 31.16 3.17 -2.33
C LEU A 140 30.51 3.11 -0.95
N HIS A 141 29.24 2.67 -0.91
CA HIS A 141 28.42 2.81 0.29
C HIS A 141 28.27 1.52 1.10
N HIS A 142 28.74 0.39 0.59
CA HIS A 142 28.54 -0.89 1.25
C HIS A 142 29.65 -1.26 2.22
N ALA A 143 30.71 -0.46 2.32
CA ALA A 143 31.84 -0.82 3.16
C ALA A 143 31.48 -0.69 4.64
N LYS A 144 31.98 -1.64 5.44
CA LYS A 144 31.72 -1.68 6.87
C LYS A 144 32.93 -1.17 7.64
N LYS A 145 32.83 -1.18 8.96
CA LYS A 145 33.92 -0.70 9.80
C LYS A 145 35.13 -1.62 9.72
N SER A 146 34.90 -2.93 9.74
CA SER A 146 35.97 -3.92 9.67
C SER A 146 35.60 -5.03 8.71
N GLU A 147 34.97 -4.67 7.58
CA GLU A 147 34.49 -5.65 6.63
C GLU A 147 34.23 -4.95 5.30
N ALA A 148 34.48 -5.67 4.21
CA ALA A 148 34.17 -5.21 2.87
C ALA A 148 32.93 -5.93 2.36
N SER A 149 32.16 -5.25 1.52
CA SER A 149 30.96 -5.85 0.95
C SER A 149 30.52 -5.04 -0.26
N GLY A 150 29.77 -5.70 -1.14
CA GLY A 150 29.20 -5.08 -2.31
C GLY A 150 30.18 -4.28 -3.15
N PHE A 151 31.36 -4.84 -3.40
CA PHE A 151 32.45 -4.25 -4.16
C PHE A 151 33.09 -3.07 -3.45
N CYS A 152 32.66 -2.74 -2.24
CA CYS A 152 33.17 -1.59 -1.51
C CYS A 152 34.13 -2.05 -0.43
N TYR A 153 35.32 -1.43 -0.38
CA TYR A 153 36.35 -1.78 0.59
C TYR A 153 36.43 -0.76 1.72
N VAL A 154 36.69 0.50 1.38
CA VAL A 154 36.70 1.60 2.33
C VAL A 154 35.52 2.52 2.02
N ASN A 155 34.78 2.91 3.05
CA ASN A 155 33.58 3.72 2.86
C ASN A 155 33.98 5.19 2.81
N ASP A 156 34.09 5.73 1.60
CA ASP A 156 34.41 7.14 1.42
C ASP A 156 33.31 8.03 2.00
N ILE A 157 32.06 7.58 1.91
CA ILE A 157 30.94 8.42 2.33
C ILE A 157 30.98 8.67 3.83
N VAL A 158 31.18 7.62 4.62
CA VAL A 158 31.25 7.77 6.06
C VAL A 158 32.44 8.64 6.46
N LEU A 159 33.57 8.47 5.77
CA LEU A 159 34.73 9.29 6.06
C LEU A 159 34.49 10.75 5.67
N ALA A 160 33.82 10.98 4.54
CA ALA A 160 33.53 12.34 4.11
C ALA A 160 32.51 13.02 5.01
N ILE A 161 31.57 12.26 5.55
CA ILE A 161 30.55 12.84 6.43
C ILE A 161 31.15 13.17 7.79
N LEU A 162 32.04 12.31 8.30
CA LEU A 162 32.71 12.60 9.56
C LEU A 162 33.54 13.88 9.47
N GLU A 163 34.05 14.20 8.27
CA GLU A 163 34.76 15.45 8.08
C GLU A 163 33.79 16.63 8.07
N LEU A 164 32.61 16.44 7.49
CA LEU A 164 31.61 17.50 7.49
C LEU A 164 31.10 17.78 8.90
N LEU A 165 31.05 16.76 9.76
CA LEU A 165 30.56 16.94 11.12
C LEU A 165 31.46 17.86 11.95
N LYS A 166 32.67 18.15 11.50
CA LYS A 166 33.52 19.09 12.22
C LYS A 166 32.98 20.51 12.15
N TYR A 167 32.18 20.83 11.14
CA TYR A 167 31.63 22.17 10.98
C TYR A 167 30.14 22.18 10.66
N HIS A 168 29.51 21.01 10.49
CA HIS A 168 28.10 20.91 10.18
C HIS A 168 27.43 20.03 11.23
N GLN A 169 26.51 20.61 11.99
CA GLN A 169 25.87 19.87 13.07
C GLN A 169 24.82 18.89 12.57
N ARG A 170 24.36 19.02 11.34
CA ARG A 170 23.41 18.08 10.76
C ARG A 170 23.73 17.86 9.30
N VAL A 171 23.91 16.60 8.92
CA VAL A 171 24.26 16.20 7.56
C VAL A 171 23.19 15.24 7.05
N LEU A 172 22.74 15.46 5.82
CA LEU A 172 21.74 14.62 5.18
C LEU A 172 22.40 13.79 4.09
N TYR A 173 22.18 12.48 4.14
CA TYR A 173 22.72 11.55 3.16
C TYR A 173 21.58 10.98 2.32
N ILE A 174 21.71 11.06 1.01
CA ILE A 174 20.70 10.58 0.07
C ILE A 174 21.36 9.55 -0.85
N ASP A 175 20.71 8.40 -1.00
CA ASP A 175 21.26 7.26 -1.74
C ASP A 175 20.24 6.82 -2.79
N ILE A 176 20.47 7.20 -4.05
CA ILE A 176 19.59 6.79 -5.14
C ILE A 176 20.12 5.58 -5.89
N ASP A 177 21.18 4.96 -5.38
CA ASP A 177 21.65 3.68 -5.92
C ASP A 177 20.54 2.64 -5.76
N ILE A 178 20.47 1.71 -6.73
CA ILE A 178 19.41 0.71 -6.70
C ILE A 178 19.53 -0.19 -5.48
N HIS A 179 20.71 -0.24 -4.85
CA HIS A 179 20.90 -0.98 -3.61
C HIS A 179 20.78 -0.04 -2.42
N HIS A 180 20.57 -0.64 -1.25
CA HIS A 180 20.42 0.12 -0.02
C HIS A 180 21.77 0.53 0.51
N GLY A 181 21.88 1.80 0.93
CA GLY A 181 23.11 2.30 1.54
C GLY A 181 23.28 1.79 2.95
N ASP A 182 23.54 0.49 3.10
CA ASP A 182 23.56 -0.12 4.42
C ASP A 182 24.81 0.26 5.20
N GLY A 183 25.92 0.51 4.51
CA GLY A 183 27.14 0.90 5.20
C GLY A 183 27.05 2.29 5.78
N VAL A 184 26.44 3.23 5.04
CA VAL A 184 26.28 4.58 5.55
C VAL A 184 25.22 4.62 6.64
N GLU A 185 24.11 3.89 6.43
CA GLU A 185 23.04 3.87 7.40
C GLU A 185 23.50 3.28 8.74
N GLU A 186 24.31 2.23 8.68
CA GLU A 186 24.76 1.57 9.90
C GLU A 186 25.74 2.44 10.69
N ALA A 187 26.54 3.25 10.00
CA ALA A 187 27.55 4.05 10.68
C ALA A 187 26.93 5.18 11.51
N PHE A 188 25.77 5.68 11.10
CA PHE A 188 25.08 6.75 11.81
C PHE A 188 23.70 6.34 12.30
N TYR A 189 23.50 5.03 12.50
CA TYR A 189 22.19 4.51 12.87
C TYR A 189 21.75 4.96 14.26
N THR A 190 22.69 5.35 15.13
CA THR A 190 22.40 5.69 16.51
C THR A 190 22.71 7.14 16.83
N THR A 191 22.59 8.02 15.84
CA THR A 191 22.83 9.45 16.06
C THR A 191 21.90 10.26 15.18
N ASP A 192 21.57 11.47 15.66
CA ASP A 192 20.71 12.39 14.94
C ASP A 192 21.50 13.39 14.10
N ARG A 193 22.82 13.45 14.25
CA ARG A 193 23.61 14.39 13.47
C ARG A 193 23.66 14.02 11.99
N VAL A 194 23.38 12.78 11.65
CA VAL A 194 23.38 12.33 10.26
C VAL A 194 22.08 11.57 10.00
N MET A 195 21.34 12.02 8.98
CA MET A 195 20.10 11.37 8.56
C MET A 195 20.35 10.67 7.23
N THR A 196 20.00 9.39 7.16
CA THR A 196 20.24 8.58 5.98
C THR A 196 18.91 8.28 5.28
N VAL A 197 18.85 8.57 3.99
CA VAL A 197 17.68 8.31 3.16
C VAL A 197 18.13 7.51 1.95
N SER A 198 17.49 6.37 1.70
CA SER A 198 17.90 5.48 0.63
C SER A 198 16.69 4.94 -0.12
N PHE A 199 16.70 5.10 -1.44
CA PHE A 199 15.71 4.50 -2.32
C PHE A 199 16.35 3.29 -3.01
N HIS A 200 15.69 2.14 -2.92
CA HIS A 200 16.34 0.91 -3.37
C HIS A 200 15.29 -0.15 -3.67
N LYS A 201 15.72 -1.17 -4.40
CA LYS A 201 14.91 -2.36 -4.61
C LYS A 201 15.06 -3.30 -3.43
N TYR A 202 13.93 -3.76 -2.89
CA TYR A 202 13.90 -4.59 -1.70
C TYR A 202 13.22 -5.92 -2.01
N GLY A 203 13.69 -6.97 -1.35
CA GLY A 203 13.12 -8.30 -1.54
C GLY A 203 13.97 -9.17 -2.45
N GLU A 204 14.72 -10.10 -1.85
CA GLU A 204 15.61 -11.00 -2.59
C GLU A 204 16.59 -10.21 -3.46
N TYR A 205 17.24 -9.22 -2.85
CA TYR A 205 18.16 -8.35 -3.56
C TYR A 205 19.21 -7.85 -2.58
N PHE A 206 20.41 -7.62 -3.10
CA PHE A 206 21.51 -7.16 -2.26
C PHE A 206 21.19 -5.78 -1.69
N PRO A 207 21.53 -5.50 -0.43
CA PRO A 207 22.18 -6.44 0.50
C PRO A 207 21.22 -7.13 1.44
N GLY A 208 19.93 -7.09 1.12
CA GLY A 208 18.92 -7.70 1.95
C GLY A 208 18.30 -6.78 2.99
N THR A 209 19.01 -5.74 3.40
CA THR A 209 18.47 -4.76 4.32
C THR A 209 17.79 -3.63 3.56
N GLY A 210 17.27 -2.66 4.30
CA GLY A 210 16.58 -1.53 3.71
C GLY A 210 15.08 -1.49 3.91
N ASP A 211 14.53 -2.27 4.85
CA ASP A 211 13.11 -2.23 5.12
C ASP A 211 12.74 -0.87 5.71
N LEU A 212 11.58 -0.35 5.31
CA LEU A 212 11.15 0.96 5.80
C LEU A 212 10.86 0.95 7.29
N ARG A 213 10.76 -0.21 7.92
CA ARG A 213 10.57 -0.29 9.36
C ARG A 213 11.86 -0.10 10.14
N ASP A 214 12.99 0.03 9.47
CA ASP A 214 14.26 0.37 10.13
C ASP A 214 14.40 1.89 10.10
N ILE A 215 14.08 2.54 11.22
CA ILE A 215 14.07 3.99 11.30
C ILE A 215 15.18 4.53 12.18
N GLY A 216 15.99 3.68 12.77
CA GLY A 216 17.08 4.10 13.63
C GLY A 216 16.91 3.56 15.04
N ALA A 217 17.91 3.87 15.86
CA ALA A 217 17.92 3.44 17.25
C ALA A 217 18.62 4.50 18.08
N GLY A 218 18.38 4.45 19.39
CA GLY A 218 18.99 5.41 20.30
C GLY A 218 18.57 6.83 19.96
N LYS A 219 19.55 7.73 19.92
CA LYS A 219 19.28 9.12 19.55
C LYS A 219 18.95 9.28 18.07
N GLY A 220 19.22 8.26 17.25
CA GLY A 220 18.99 8.34 15.82
C GLY A 220 17.70 7.71 15.38
N LYS A 221 16.77 7.51 16.31
CA LYS A 221 15.46 6.96 15.96
C LYS A 221 14.68 7.96 15.13
N TYR A 222 14.01 7.47 14.08
CA TYR A 222 13.30 8.24 13.07
C TYR A 222 14.24 9.04 12.17
N TYR A 223 15.54 8.76 12.21
CA TYR A 223 16.52 9.43 11.37
C TYR A 223 17.09 8.49 10.30
N ALA A 224 16.37 7.42 9.97
CA ALA A 224 16.79 6.48 8.94
C ALA A 224 15.56 6.17 8.07
N VAL A 225 15.51 6.77 6.89
CA VAL A 225 14.37 6.66 6.00
C VAL A 225 14.72 5.69 4.87
N ASN A 226 13.91 4.67 4.68
CA ASN A 226 14.07 3.71 3.60
C ASN A 226 12.80 3.64 2.78
N PHE A 227 12.95 3.62 1.46
CA PHE A 227 11.82 3.48 0.53
C PHE A 227 12.03 2.20 -0.27
N PRO A 228 11.46 1.08 0.17
CA PRO A 228 11.59 -0.15 -0.60
C PRO A 228 10.81 -0.08 -1.90
N MET A 229 11.40 -0.61 -2.96
CA MET A 229 10.81 -0.55 -4.30
C MET A 229 10.80 -1.93 -4.93
N ARG A 230 10.11 -2.04 -6.06
CA ARG A 230 9.98 -3.27 -6.81
C ARG A 230 10.67 -3.12 -8.17
N ASP A 231 10.49 -4.10 -9.03
CA ASP A 231 11.18 -4.13 -10.32
C ASP A 231 10.55 -3.15 -11.30
N GLY A 232 11.40 -2.52 -12.12
CA GLY A 232 10.92 -1.78 -13.26
C GLY A 232 10.32 -0.42 -12.98
N ILE A 233 10.76 0.27 -11.94
CA ILE A 233 10.25 1.60 -11.66
C ILE A 233 10.74 2.57 -12.72
N ASP A 234 9.84 3.42 -13.21
CA ASP A 234 10.14 4.34 -14.30
C ASP A 234 10.33 5.76 -13.76
N ASP A 235 10.44 6.72 -14.67
CA ASP A 235 10.74 8.09 -14.28
C ASP A 235 9.59 8.74 -13.54
N GLU A 236 8.36 8.56 -14.03
CA GLU A 236 7.22 9.22 -13.40
C GLU A 236 6.95 8.67 -12.01
N SER A 237 7.20 7.38 -11.78
CA SER A 237 7.00 6.81 -10.46
C SER A 237 8.08 7.26 -9.49
N TYR A 238 9.32 7.38 -9.97
CA TYR A 238 10.40 7.86 -9.11
C TYR A 238 10.25 9.34 -8.83
N GLY A 239 9.80 10.12 -9.82
CA GLY A 239 9.68 11.55 -9.64
C GLY A 239 8.52 11.96 -8.76
N GLN A 240 7.43 11.18 -8.78
CA GLN A 240 6.26 11.51 -7.97
C GLN A 240 6.50 11.32 -6.48
N ILE A 241 7.59 10.66 -6.10
CA ILE A 241 7.87 10.42 -4.69
C ILE A 241 9.18 11.02 -4.23
N PHE A 242 10.12 11.32 -5.13
CA PHE A 242 11.42 11.83 -4.70
C PHE A 242 11.31 13.24 -4.16
N LYS A 243 10.81 14.17 -4.99
CA LYS A 243 10.72 15.57 -4.59
C LYS A 243 9.89 15.78 -3.32
N PRO A 244 8.69 15.20 -3.17
CA PRO A 244 7.95 15.41 -1.92
C PRO A 244 8.61 14.81 -0.70
N ILE A 245 9.31 13.68 -0.84
CA ILE A 245 9.95 13.08 0.33
C ILE A 245 11.22 13.86 0.69
N ILE A 246 11.99 14.28 -0.33
CA ILE A 246 13.21 15.04 -0.06
C ILE A 246 12.87 16.39 0.56
N SER A 247 11.83 17.05 0.05
CA SER A 247 11.45 18.36 0.59
C SER A 247 10.93 18.24 2.01
N LYS A 248 10.23 17.14 2.33
CA LYS A 248 9.77 16.93 3.70
C LYS A 248 10.94 16.67 4.66
N VAL A 249 12.00 16.02 4.17
CA VAL A 249 13.20 15.84 4.98
C VAL A 249 13.91 17.18 5.18
N MET A 250 14.01 17.96 4.11
CA MET A 250 14.61 19.29 4.21
C MET A 250 13.84 20.22 5.13
N GLU A 251 12.54 19.99 5.29
CA GLU A 251 11.71 20.81 6.16
C GLU A 251 11.76 20.39 7.62
N MET A 252 11.66 19.09 7.90
CA MET A 252 11.62 18.62 9.27
C MET A 252 13.02 18.50 9.88
N TYR A 253 14.00 18.12 9.07
CA TYR A 253 15.37 17.93 9.56
C TYR A 253 16.22 19.19 9.39
N GLN A 254 16.10 19.87 8.24
CA GLN A 254 16.84 21.09 7.93
C GLN A 254 18.33 20.90 8.16
N PRO A 255 19.03 20.23 7.25
CA PRO A 255 20.48 20.04 7.41
C PRO A 255 21.25 21.27 6.93
N SER A 256 22.55 21.24 7.20
CA SER A 256 23.46 22.26 6.72
C SER A 256 24.43 21.73 5.66
N ALA A 257 24.32 20.45 5.30
CA ALA A 257 25.16 19.86 4.26
C ALA A 257 24.45 18.61 3.75
N VAL A 258 24.62 18.34 2.46
CA VAL A 258 23.96 17.22 1.81
C VAL A 258 24.99 16.38 1.08
N VAL A 259 24.82 15.06 1.13
CA VAL A 259 25.67 14.11 0.41
C VAL A 259 24.75 13.22 -0.43
N LEU A 260 24.87 13.33 -1.75
CA LEU A 260 23.99 12.65 -2.69
C LEU A 260 24.79 11.59 -3.44
N GLN A 261 24.56 10.32 -3.12
CA GLN A 261 25.22 9.21 -3.79
C GLN A 261 24.42 8.87 -5.04
N CYS A 262 25.04 9.02 -6.21
CA CYS A 262 24.33 8.89 -7.49
C CYS A 262 24.67 7.55 -8.14
N GLY A 263 24.26 6.48 -7.47
CA GLY A 263 24.44 5.15 -8.01
C GLY A 263 23.76 4.98 -9.35
N ALA A 264 24.53 4.70 -10.40
CA ALA A 264 24.02 4.64 -11.76
C ALA A 264 23.46 3.28 -12.13
N ASP A 265 23.54 2.28 -11.22
CA ASP A 265 22.99 0.96 -11.51
C ASP A 265 21.47 0.91 -11.43
N SER A 266 20.82 2.02 -11.08
CA SER A 266 19.36 2.10 -11.09
C SER A 266 18.81 2.58 -12.41
N LEU A 267 19.65 2.66 -13.45
CA LEU A 267 19.20 3.05 -14.78
C LEU A 267 18.58 1.86 -15.50
N SER A 268 17.90 2.17 -16.60
CA SER A 268 17.29 1.12 -17.41
C SER A 268 18.36 0.27 -18.08
N GLY A 269 18.14 -1.04 -18.09
CA GLY A 269 19.06 -1.96 -18.75
C GLY A 269 20.41 -2.09 -18.09
N ASP A 270 20.46 -2.03 -16.75
CA ASP A 270 21.72 -2.20 -16.05
C ASP A 270 22.11 -3.67 -15.97
N ARG A 271 23.42 -3.92 -15.94
CA ARG A 271 23.92 -5.29 -15.91
C ARG A 271 23.53 -5.99 -14.62
N LEU A 272 23.57 -5.28 -13.49
CA LEU A 272 23.18 -5.84 -12.21
C LEU A 272 21.84 -5.32 -11.69
N GLY A 273 21.31 -4.25 -12.28
CA GLY A 273 20.08 -3.66 -11.79
C GLY A 273 18.84 -4.16 -12.51
N CYS A 274 17.69 -3.79 -11.96
CA CYS A 274 16.41 -4.18 -12.55
C CYS A 274 15.42 -3.03 -12.60
N PHE A 275 15.86 -1.79 -12.40
CA PHE A 275 14.98 -0.63 -12.51
C PHE A 275 14.81 -0.26 -13.98
N ASN A 276 14.11 0.86 -14.23
CA ASN A 276 13.84 1.31 -15.59
C ASN A 276 13.95 2.83 -15.69
N LEU A 277 14.87 3.42 -14.93
CA LEU A 277 15.06 4.85 -14.97
C LEU A 277 15.92 5.26 -16.17
N THR A 278 15.64 6.46 -16.68
CA THR A 278 16.45 7.06 -17.72
C THR A 278 17.44 8.03 -17.10
N VAL A 279 18.30 8.61 -17.95
CA VAL A 279 19.26 9.59 -17.45
C VAL A 279 18.56 10.85 -16.97
N LYS A 280 17.58 11.32 -17.74
CA LYS A 280 16.82 12.50 -17.32
C LYS A 280 16.05 12.22 -16.05
N GLY A 281 15.45 11.03 -15.92
CA GLY A 281 14.80 10.67 -14.68
C GLY A 281 15.77 10.52 -13.53
N HIS A 282 16.98 10.01 -13.82
CA HIS A 282 17.99 9.90 -12.78
C HIS A 282 18.56 11.25 -12.40
N ALA A 283 18.84 12.10 -13.40
CA ALA A 283 19.41 13.41 -13.14
C ALA A 283 18.43 14.35 -12.45
N LYS A 284 17.12 14.10 -12.59
CA LYS A 284 16.13 14.94 -11.93
C LYS A 284 16.31 14.91 -10.42
N CYS A 285 16.84 13.81 -9.88
CA CYS A 285 17.13 13.76 -8.45
C CYS A 285 18.19 14.77 -8.06
N VAL A 286 19.16 15.03 -8.94
CA VAL A 286 20.18 16.02 -8.65
C VAL A 286 19.58 17.42 -8.68
N GLU A 287 18.65 17.66 -9.59
CA GLU A 287 18.04 18.99 -9.69
C GLU A 287 17.28 19.34 -8.42
N VAL A 288 16.58 18.38 -7.83
CA VAL A 288 15.81 18.63 -6.62
C VAL A 288 16.74 19.00 -5.47
N VAL A 289 17.78 18.21 -5.26
CA VAL A 289 18.73 18.47 -4.18
C VAL A 289 19.48 19.77 -4.43
N LYS A 290 19.78 20.07 -5.69
CA LYS A 290 20.56 21.26 -6.03
C LYS A 290 19.79 22.54 -5.74
N THR A 291 18.47 22.53 -5.90
CA THR A 291 17.69 23.76 -5.72
C THR A 291 17.63 24.21 -4.27
N PHE A 292 17.91 23.33 -3.31
CA PHE A 292 17.90 23.73 -1.92
C PHE A 292 19.09 24.61 -1.54
N ASN A 293 20.13 24.67 -2.39
CA ASN A 293 21.27 25.56 -2.19
C ASN A 293 21.94 25.31 -0.84
N LEU A 294 22.35 24.07 -0.64
CA LEU A 294 23.11 23.64 0.52
C LEU A 294 24.45 23.06 0.07
N PRO A 295 25.47 23.08 0.93
CA PRO A 295 26.73 22.42 0.59
C PRO A 295 26.51 20.96 0.22
N LEU A 296 26.65 20.65 -1.06
CA LEU A 296 26.38 19.32 -1.59
C LEU A 296 27.68 18.61 -1.91
N LEU A 297 27.67 17.29 -1.71
CA LEU A 297 28.81 16.43 -2.06
C LEU A 297 28.28 15.30 -2.95
N MET A 298 28.46 15.45 -4.26
CA MET A 298 28.01 14.43 -5.21
C MET A 298 29.07 13.34 -5.34
N LEU A 299 28.64 12.09 -5.26
CA LEU A 299 29.54 10.96 -5.30
C LEU A 299 29.01 9.91 -6.28
N GLY A 300 29.89 9.02 -6.69
CA GLY A 300 29.53 7.97 -7.62
C GLY A 300 28.87 6.78 -6.95
N GLY A 301 29.28 5.57 -7.32
CA GLY A 301 28.69 4.38 -6.73
C GLY A 301 28.48 3.24 -7.72
N GLY A 302 27.26 2.72 -7.77
CA GLY A 302 26.95 1.62 -8.66
C GLY A 302 26.97 2.04 -10.12
N GLY A 303 26.71 1.06 -10.98
CA GLY A 303 26.72 1.28 -12.41
C GLY A 303 27.55 0.22 -13.13
N TYR A 304 26.89 -0.65 -13.90
CA TYR A 304 27.56 -1.80 -14.49
C TYR A 304 27.28 -2.00 -15.97
N THR A 305 26.42 -1.18 -16.57
CA THR A 305 26.38 -1.02 -18.02
C THR A 305 27.18 0.26 -18.29
N ILE A 306 28.49 0.09 -18.47
CA ILE A 306 29.42 1.22 -18.40
C ILE A 306 29.15 2.24 -19.49
N ARG A 307 28.56 1.82 -20.62
CA ARG A 307 28.26 2.79 -21.66
C ARG A 307 27.17 3.77 -21.22
N ASN A 308 26.32 3.36 -20.29
CA ASN A 308 25.30 4.25 -19.74
C ASN A 308 25.79 5.01 -18.52
N VAL A 309 26.73 4.44 -17.77
CA VAL A 309 27.28 5.13 -16.60
C VAL A 309 27.97 6.41 -17.02
N ALA A 310 28.71 6.35 -18.13
CA ALA A 310 29.36 7.55 -18.65
C ALA A 310 28.33 8.58 -19.11
N ARG A 311 27.16 8.11 -19.58
CA ARG A 311 26.09 9.03 -19.96
C ARG A 311 25.51 9.73 -18.74
N CYS A 312 25.23 8.96 -17.69
CA CYS A 312 24.51 9.50 -16.53
C CYS A 312 25.36 10.52 -15.77
N TRP A 313 26.56 10.12 -15.36
CA TRP A 313 27.39 10.98 -14.53
C TRP A 313 27.95 12.17 -15.30
N THR A 314 27.94 12.13 -16.63
CA THR A 314 28.28 13.30 -17.42
C THR A 314 27.15 14.32 -17.40
N TYR A 315 25.94 13.88 -17.73
CA TYR A 315 24.80 14.79 -17.74
C TYR A 315 24.52 15.35 -16.35
N GLU A 316 24.63 14.51 -15.32
CA GLU A 316 24.42 14.99 -13.96
C GLU A 316 25.47 16.01 -13.55
N THR A 317 26.68 15.92 -14.11
CA THR A 317 27.67 16.95 -13.87
C THR A 317 27.28 18.25 -14.55
N ALA A 318 26.79 18.17 -15.80
CA ALA A 318 26.29 19.37 -16.47
C ALA A 318 25.08 19.95 -15.74
N VAL A 319 24.25 19.10 -15.15
CA VAL A 319 23.13 19.58 -14.35
C VAL A 319 23.64 20.40 -13.16
N ALA A 320 24.72 19.93 -12.52
CA ALA A 320 25.34 20.71 -11.46
C ALA A 320 25.86 22.05 -11.97
N LEU A 321 26.34 22.08 -13.21
CA LEU A 321 26.85 23.30 -13.81
C LEU A 321 25.76 24.18 -14.43
N ASP A 322 24.51 23.70 -14.44
CA ASP A 322 23.41 24.38 -15.11
C ASP A 322 23.73 24.65 -16.58
N CYS A 323 24.49 23.77 -17.19
CA CYS A 323 24.96 23.92 -18.57
C CYS A 323 24.24 22.90 -19.43
N GLU A 324 23.48 23.38 -20.40
CA GLU A 324 22.82 22.50 -21.35
C GLU A 324 23.84 21.88 -22.29
N ILE A 325 23.64 20.62 -22.64
CA ILE A 325 24.55 19.91 -23.55
C ILE A 325 23.74 19.22 -24.63
N PRO A 326 24.22 19.19 -25.87
CA PRO A 326 23.44 18.57 -26.95
C PRO A 326 23.36 17.06 -26.79
N ASN A 327 22.28 16.50 -27.33
CA ASN A 327 22.08 15.06 -27.24
C ASN A 327 23.04 14.30 -28.14
N GLU A 328 23.50 14.93 -29.21
CA GLU A 328 24.46 14.30 -30.11
C GLU A 328 25.82 14.19 -29.41
N LEU A 329 26.27 12.96 -29.19
CA LEU A 329 27.53 12.74 -28.50
C LEU A 329 28.70 13.19 -29.37
N PRO A 330 29.57 14.07 -28.87
CA PRO A 330 30.78 14.39 -29.63
C PRO A 330 31.75 13.22 -29.62
N TYR A 331 32.84 13.37 -30.38
CA TYR A 331 33.84 12.32 -30.41
C TYR A 331 34.61 12.28 -29.09
N ASN A 332 35.01 11.07 -28.71
CA ASN A 332 35.78 10.87 -27.49
C ASN A 332 36.62 9.61 -27.64
N ASP A 333 37.49 9.38 -26.66
CA ASP A 333 38.38 8.22 -26.72
C ASP A 333 37.63 6.90 -26.69
N TYR A 334 36.40 6.89 -26.18
CA TYR A 334 35.62 5.68 -26.03
C TYR A 334 34.29 5.77 -26.79
N PHE A 335 34.32 6.48 -27.92
CA PHE A 335 33.12 6.68 -28.73
C PHE A 335 32.53 5.35 -29.22
N GLU A 336 33.33 4.29 -29.23
CA GLU A 336 32.84 2.99 -29.70
C GLU A 336 31.89 2.34 -28.70
N TYR A 337 32.02 2.67 -27.41
CA TYR A 337 31.16 2.07 -26.39
C TYR A 337 29.70 2.49 -26.55
N PHE A 338 29.46 3.70 -27.05
CA PHE A 338 28.12 4.28 -27.05
C PHE A 338 27.31 3.93 -28.28
N GLY A 339 27.65 2.83 -28.96
CA GLY A 339 26.87 2.37 -30.08
C GLY A 339 25.59 1.72 -29.61
N PRO A 340 24.62 1.54 -30.52
CA PRO A 340 24.70 1.97 -31.92
C PRO A 340 24.11 3.36 -32.14
N ASP A 341 23.74 4.03 -31.06
CA ASP A 341 23.06 5.32 -31.16
C ASP A 341 24.03 6.50 -31.13
N PHE A 342 25.05 6.43 -30.27
CA PHE A 342 25.99 7.53 -30.06
C PHE A 342 25.26 8.80 -29.64
N LYS A 343 24.28 8.64 -28.75
CA LYS A 343 23.50 9.73 -28.21
C LYS A 343 23.58 9.73 -26.68
N LEU A 344 23.37 10.91 -26.10
CA LEU A 344 23.59 11.07 -24.66
C LEU A 344 22.50 10.38 -23.85
N HIS A 345 21.24 10.70 -24.12
CA HIS A 345 20.14 10.18 -23.32
C HIS A 345 19.65 8.84 -23.86
N ILE A 346 19.00 8.08 -22.98
CA ILE A 346 18.56 6.72 -23.27
C ILE A 346 17.04 6.66 -23.12
N SER A 347 16.47 5.55 -23.59
CA SER A 347 15.04 5.30 -23.54
C SER A 347 14.73 4.10 -22.67
N PRO A 348 13.55 4.05 -22.05
CA PRO A 348 13.21 2.95 -21.15
C PRO A 348 13.08 1.63 -21.90
N SER A 349 12.99 0.56 -21.12
CA SER A 349 12.79 -0.78 -21.65
C SER A 349 11.29 -1.10 -21.65
N ASN A 350 10.96 -2.31 -22.10
CA ASN A 350 9.57 -2.76 -22.16
C ASN A 350 9.14 -3.55 -20.93
N MET A 351 9.95 -3.56 -19.88
CA MET A 351 9.63 -4.35 -18.69
C MET A 351 8.47 -3.70 -17.95
N THR A 352 7.76 -4.52 -17.18
CA THR A 352 6.60 -4.06 -16.43
C THR A 352 7.03 -3.36 -15.15
N ASN A 353 6.33 -2.28 -14.81
CA ASN A 353 6.60 -1.54 -13.58
C ASN A 353 5.87 -2.24 -12.44
N GLN A 354 6.61 -3.04 -11.67
CA GLN A 354 6.04 -3.75 -10.53
C GLN A 354 5.60 -2.81 -9.41
N ASN A 355 5.95 -1.53 -9.48
CA ASN A 355 5.58 -0.55 -8.46
C ASN A 355 4.32 0.17 -8.93
N THR A 356 3.16 -0.32 -8.48
CA THR A 356 1.91 0.35 -8.81
C THR A 356 1.88 1.74 -8.17
N PRO A 357 1.19 2.70 -8.80
CA PRO A 357 1.09 4.04 -8.20
C PRO A 357 0.45 4.03 -6.82
N GLU A 358 -0.43 3.06 -6.53
CA GLU A 358 -0.99 2.95 -5.20
C GLU A 358 0.04 2.46 -4.19
N TYR A 359 0.97 1.60 -4.63
CA TYR A 359 2.07 1.20 -3.76
C TYR A 359 3.02 2.37 -3.49
N MET A 360 3.22 3.24 -4.48
CA MET A 360 4.11 4.38 -4.30
C MET A 360 3.54 5.38 -3.30
N GLU A 361 2.22 5.53 -3.27
CA GLU A 361 1.59 6.47 -2.34
C GLU A 361 1.59 5.92 -0.91
N LYS A 362 1.43 4.61 -0.73
CA LYS A 362 1.33 4.06 0.60
C LYS A 362 2.67 4.14 1.34
N ILE A 363 3.76 3.77 0.67
CA ILE A 363 5.08 3.86 1.28
C ILE A 363 5.43 5.32 1.58
N LYS A 364 5.02 6.23 0.68
CA LYS A 364 5.25 7.65 0.92
C LYS A 364 4.53 8.13 2.16
N GLN A 365 3.26 7.77 2.31
CA GLN A 365 2.49 8.18 3.49
C GLN A 365 3.01 7.51 4.75
N ARG A 366 3.49 6.28 4.65
CA ARG A 366 4.04 5.61 5.83
C ARG A 366 5.30 6.30 6.32
N LEU A 367 6.10 6.83 5.39
CA LEU A 367 7.32 7.54 5.78
C LEU A 367 7.03 8.94 6.29
N PHE A 368 5.94 9.56 5.82
CA PHE A 368 5.54 10.85 6.37
C PHE A 368 5.20 10.76 7.84
N GLU A 369 4.71 9.60 8.30
CA GLU A 369 4.43 9.42 9.72
C GLU A 369 5.71 9.51 10.54
N ASN A 370 6.78 8.85 10.08
CA ASN A 370 8.04 8.90 10.81
C ASN A 370 8.69 10.27 10.72
N LEU A 371 8.42 11.01 9.64
CA LEU A 371 8.97 12.35 9.48
C LEU A 371 8.27 13.37 10.36
N ARG A 372 7.02 13.13 10.74
CA ARG A 372 6.33 14.02 11.67
C ARG A 372 6.86 13.89 13.09
N MET A 373 7.59 12.81 13.39
CA MET A 373 8.09 12.55 14.73
C MET A 373 9.36 13.33 15.07
N LEU A 374 9.68 14.36 14.30
CA LEU A 374 10.90 15.13 14.54
C LEU A 374 10.58 16.44 15.25
N LYS B 11 -2.33 -24.08 22.38
CA LYS B 11 -1.16 -24.43 21.59
C LYS B 11 -1.55 -24.74 20.15
N VAL B 12 -0.90 -24.06 19.20
CA VAL B 12 -1.19 -24.22 17.78
C VAL B 12 0.11 -24.52 17.06
N CYS B 13 0.12 -25.62 16.31
CA CYS B 13 1.25 -25.99 15.47
C CYS B 13 0.96 -25.63 14.03
N TYR B 14 1.97 -25.08 13.35
CA TYR B 14 1.84 -24.59 11.99
C TYR B 14 2.83 -25.31 11.09
N TYR B 15 2.37 -25.74 9.91
CA TYR B 15 3.19 -26.49 8.97
C TYR B 15 3.38 -25.69 7.69
N TYR B 16 4.63 -25.59 7.24
CA TYR B 16 4.99 -24.83 6.05
C TYR B 16 6.38 -25.20 5.58
N ASP B 17 6.53 -25.55 4.30
CA ASP B 17 7.83 -25.78 3.70
C ASP B 17 8.30 -24.52 2.98
N GLY B 18 9.61 -24.36 2.88
CA GLY B 18 10.16 -23.18 2.23
C GLY B 18 9.97 -23.18 0.73
N ASP B 19 9.94 -24.37 0.10
CA ASP B 19 9.87 -24.48 -1.35
C ASP B 19 8.46 -24.76 -1.85
N ILE B 20 7.44 -24.51 -1.03
CA ILE B 20 6.09 -24.83 -1.44
C ILE B 20 5.54 -23.79 -2.41
N GLY B 21 5.98 -22.54 -2.30
CA GLY B 21 5.48 -21.49 -3.17
C GLY B 21 6.27 -21.36 -4.45
N ASN B 22 6.87 -22.46 -4.90
CA ASN B 22 7.68 -22.46 -6.12
C ASN B 22 7.18 -23.41 -7.19
N TYR B 23 6.25 -24.32 -6.86
CA TYR B 23 5.70 -25.21 -7.86
C TYR B 23 4.69 -24.47 -8.71
N TYR B 24 4.87 -24.52 -10.03
CA TYR B 24 4.04 -23.79 -10.97
C TYR B 24 3.11 -24.77 -11.68
N TYR B 25 1.80 -24.55 -11.55
CA TYR B 25 0.82 -25.40 -12.20
C TYR B 25 0.74 -25.18 -13.71
N GLY B 26 1.32 -24.09 -14.21
CA GLY B 26 1.25 -23.79 -15.62
C GLY B 26 0.59 -22.45 -15.89
N GLN B 27 0.95 -21.80 -16.98
CA GLN B 27 0.39 -20.50 -17.31
C GLN B 27 -1.11 -20.61 -17.54
N GLY B 28 -1.86 -19.68 -16.94
CA GLY B 28 -3.30 -19.66 -17.04
C GLY B 28 -4.02 -20.52 -16.03
N HIS B 29 -3.32 -21.45 -15.38
CA HIS B 29 -3.97 -22.31 -14.40
C HIS B 29 -4.26 -21.52 -13.13
N PRO B 30 -5.47 -21.59 -12.59
CA PRO B 30 -5.80 -20.75 -11.43
C PRO B 30 -5.12 -21.19 -10.14
N MET B 31 -4.85 -22.48 -9.96
CA MET B 31 -4.22 -22.97 -8.73
C MET B 31 -2.78 -22.50 -8.70
N LYS B 32 -2.52 -21.43 -7.96
CA LYS B 32 -1.19 -20.85 -7.83
C LYS B 32 -0.65 -21.14 -6.44
N PRO B 33 0.22 -22.15 -6.27
CA PRO B 33 0.76 -22.44 -4.93
C PRO B 33 1.56 -21.30 -4.33
N HIS B 34 1.88 -20.26 -5.11
CA HIS B 34 2.57 -19.10 -4.57
C HIS B 34 1.77 -18.43 -3.46
N ARG B 35 0.44 -18.60 -3.47
CA ARG B 35 -0.42 -17.98 -2.46
C ARG B 35 -0.05 -18.43 -1.05
N ILE B 36 0.43 -19.67 -0.90
CA ILE B 36 0.77 -20.19 0.42
C ILE B 36 1.94 -19.41 1.00
N ARG B 37 2.90 -19.02 0.16
CA ARG B 37 4.00 -18.20 0.65
C ARG B 37 3.54 -16.79 0.98
N MET B 38 2.51 -16.29 0.27
CA MET B 38 1.99 -14.97 0.60
C MET B 38 1.38 -14.95 1.99
N THR B 39 0.61 -15.97 2.36
CA THR B 39 0.06 -16.05 3.70
C THR B 39 1.17 -16.14 4.74
N HIS B 40 2.13 -17.03 4.51
CA HIS B 40 3.24 -17.20 5.44
C HIS B 40 4.02 -15.89 5.61
N ASN B 41 4.29 -15.20 4.50
CA ASN B 41 5.00 -13.92 4.58
C ASN B 41 4.18 -12.90 5.36
N LEU B 42 2.87 -12.87 5.14
CA LEU B 42 2.03 -11.95 5.88
C LEU B 42 1.89 -12.37 7.34
N LEU B 43 1.87 -13.67 7.61
CA LEU B 43 1.81 -14.16 8.99
C LEU B 43 3.03 -13.70 9.77
N LEU B 44 4.22 -13.84 9.19
CA LEU B 44 5.45 -13.46 9.89
C LEU B 44 5.49 -11.97 10.14
N ASN B 45 5.07 -11.15 9.16
CA ASN B 45 5.11 -9.70 9.33
C ASN B 45 4.06 -9.19 10.31
N TYR B 46 3.15 -10.05 10.77
CA TYR B 46 2.24 -9.68 11.84
C TYR B 46 2.76 -10.05 13.22
N GLY B 47 3.88 -10.75 13.29
CA GLY B 47 4.41 -11.20 14.56
C GLY B 47 3.77 -12.44 15.13
N LEU B 48 2.94 -13.14 14.34
CA LEU B 48 2.24 -14.31 14.83
C LEU B 48 3.15 -15.52 15.00
N TYR B 49 4.42 -15.42 14.61
CA TYR B 49 5.34 -16.53 14.82
C TYR B 49 5.72 -16.70 16.28
N ARG B 50 5.50 -15.67 17.10
CA ARG B 50 5.83 -15.76 18.52
C ARG B 50 4.83 -16.58 19.32
N LYS B 51 3.68 -16.92 18.72
CA LYS B 51 2.61 -17.58 19.45
C LYS B 51 2.17 -18.90 18.82
N MET B 52 2.96 -19.44 17.89
CA MET B 52 2.63 -20.73 17.30
C MET B 52 3.91 -21.43 16.87
N GLU B 53 3.89 -22.76 16.98
CA GLU B 53 5.04 -23.56 16.60
C GLU B 53 5.01 -23.81 15.10
N ILE B 54 6.05 -23.35 14.41
CA ILE B 54 6.15 -23.48 12.96
C ILE B 54 7.04 -24.68 12.67
N TYR B 55 6.50 -25.65 11.93
CA TYR B 55 7.22 -26.88 11.59
C TYR B 55 7.40 -26.98 10.08
N ARG B 56 8.54 -27.54 9.67
CA ARG B 56 8.77 -27.88 8.28
C ARG B 56 8.25 -29.30 8.06
N PRO B 57 7.20 -29.51 7.27
CA PRO B 57 6.62 -30.84 7.16
C PRO B 57 7.52 -31.79 6.37
N HIS B 58 7.41 -33.07 6.68
CA HIS B 58 8.13 -34.10 5.95
C HIS B 58 7.45 -34.37 4.62
N LYS B 59 8.17 -35.04 3.73
CA LYS B 59 7.62 -35.48 2.46
C LYS B 59 6.94 -36.83 2.66
N ALA B 60 5.61 -36.82 2.61
CA ALA B 60 4.85 -38.04 2.81
C ALA B 60 5.24 -39.09 1.77
N THR B 61 5.36 -40.34 2.21
CA THR B 61 5.85 -41.40 1.37
C THR B 61 4.71 -42.12 0.66
N ALA B 62 5.07 -42.94 -0.33
CA ALA B 62 4.07 -43.75 -1.02
C ALA B 62 3.40 -44.71 -0.05
N GLU B 63 4.10 -45.12 1.01
CA GLU B 63 3.49 -45.98 2.02
C GLU B 63 2.37 -45.26 2.76
N GLU B 64 2.57 -43.97 3.06
CA GLU B 64 1.54 -43.22 3.76
C GLU B 64 0.37 -42.91 2.83
N MET B 65 0.63 -42.73 1.54
CA MET B 65 -0.43 -42.34 0.62
C MET B 65 -1.23 -43.55 0.12
N THR B 66 -0.62 -44.73 0.08
CA THR B 66 -1.32 -45.93 -0.37
C THR B 66 -2.29 -46.48 0.66
N LYS B 67 -2.41 -45.85 1.83
CA LYS B 67 -3.42 -46.27 2.80
C LYS B 67 -4.83 -45.99 2.30
N TYR B 68 -4.99 -45.04 1.38
CA TYR B 68 -6.27 -44.80 0.72
C TYR B 68 -6.17 -44.91 -0.79
N HIS B 69 -5.19 -44.24 -1.39
CA HIS B 69 -5.01 -44.31 -2.83
C HIS B 69 -4.49 -45.68 -3.25
N SER B 70 -4.80 -46.05 -4.49
CA SER B 70 -4.31 -47.31 -5.02
C SER B 70 -2.82 -47.24 -5.29
N ASP B 71 -2.18 -48.41 -5.28
CA ASP B 71 -0.73 -48.48 -5.49
C ASP B 71 -0.35 -48.04 -6.90
N GLU B 72 -1.22 -48.27 -7.88
CA GLU B 72 -0.89 -47.91 -9.26
C GLU B 72 -0.99 -46.41 -9.47
N TYR B 73 -1.98 -45.77 -8.84
CA TYR B 73 -2.13 -44.32 -8.99
C TYR B 73 -0.98 -43.58 -8.32
N ILE B 74 -0.57 -44.03 -7.14
CA ILE B 74 0.55 -43.38 -6.46
C ILE B 74 1.84 -43.55 -7.26
N LYS B 75 2.09 -44.77 -7.75
CA LYS B 75 3.29 -45.00 -8.55
C LYS B 75 3.25 -44.20 -9.85
N PHE B 76 2.06 -43.99 -10.42
CA PHE B 76 1.94 -43.16 -11.61
C PHE B 76 2.36 -41.73 -11.33
N LEU B 77 1.89 -41.16 -10.23
CA LEU B 77 2.30 -39.82 -9.85
C LEU B 77 3.79 -39.74 -9.59
N ARG B 78 4.39 -40.83 -9.08
CA ARG B 78 5.82 -40.82 -8.78
C ARG B 78 6.66 -40.93 -10.05
N SER B 79 6.06 -41.37 -11.17
CA SER B 79 6.79 -41.55 -12.41
C SER B 79 6.44 -40.52 -13.47
N ILE B 80 5.29 -39.87 -13.38
CA ILE B 80 4.87 -38.93 -14.41
C ILE B 80 5.73 -37.66 -14.33
N ARG B 81 6.11 -37.15 -15.50
CA ARG B 81 6.99 -36.00 -15.61
C ARG B 81 6.65 -35.28 -16.90
N PRO B 82 7.10 -34.02 -17.06
CA PRO B 82 6.89 -33.33 -18.33
C PRO B 82 7.61 -33.98 -19.50
N ASP B 83 8.73 -34.67 -19.24
CA ASP B 83 9.54 -35.27 -20.29
C ASP B 83 9.18 -36.73 -20.55
N ASN B 84 8.02 -37.20 -20.10
CA ASN B 84 7.61 -38.57 -20.41
C ASN B 84 6.10 -38.73 -20.50
N MET B 85 5.35 -37.65 -20.75
CA MET B 85 3.90 -37.78 -20.92
C MET B 85 3.57 -38.55 -22.19
N SER B 86 4.45 -38.51 -23.19
CA SER B 86 4.22 -39.26 -24.42
C SER B 86 4.23 -40.77 -24.15
N GLU B 87 5.14 -41.22 -23.28
CA GLU B 87 5.16 -42.62 -22.88
C GLU B 87 3.96 -42.96 -22.00
N TYR B 88 3.72 -42.15 -20.97
CA TYR B 88 2.58 -42.33 -20.07
C TYR B 88 1.32 -41.69 -20.64
N SER B 89 0.96 -42.06 -21.88
CA SER B 89 -0.21 -41.45 -22.51
C SER B 89 -1.51 -42.01 -21.97
N LYS B 90 -1.64 -43.34 -21.92
CA LYS B 90 -2.87 -43.96 -21.46
C LYS B 90 -2.97 -43.99 -19.94
N GLN B 91 -1.83 -44.08 -19.24
CA GLN B 91 -1.89 -43.97 -17.79
C GLN B 91 -2.29 -42.57 -17.36
N MET B 92 -1.91 -41.55 -18.13
CA MET B 92 -2.40 -40.20 -17.87
C MET B 92 -3.90 -40.11 -18.04
N GLN B 93 -4.46 -40.91 -18.97
CA GLN B 93 -5.90 -40.90 -19.22
C GLN B 93 -6.66 -41.66 -18.15
N ARG B 94 -6.03 -42.65 -17.51
CA ARG B 94 -6.73 -43.48 -16.54
C ARG B 94 -7.00 -42.72 -15.24
N PHE B 95 -6.07 -41.88 -14.82
CA PHE B 95 -6.17 -41.18 -13.54
C PHE B 95 -6.61 -39.72 -13.69
N ASN B 96 -7.06 -39.32 -14.88
CA ASN B 96 -7.57 -37.98 -15.15
C ASN B 96 -6.52 -36.91 -14.80
N VAL B 97 -5.36 -37.06 -15.41
CA VAL B 97 -4.25 -36.13 -15.25
C VAL B 97 -3.90 -35.57 -16.62
N GLY B 98 -3.85 -34.24 -16.72
CA GLY B 98 -3.49 -33.60 -17.98
C GLY B 98 -4.10 -32.23 -18.17
N GLU B 99 -5.43 -32.14 -18.20
CA GLU B 99 -6.11 -30.88 -18.45
C GLU B 99 -6.24 -30.06 -17.17
N ASP B 100 -7.35 -30.24 -16.45
CA ASP B 100 -7.56 -29.50 -15.22
C ASP B 100 -6.50 -29.83 -14.17
N CYS B 101 -6.01 -31.06 -14.16
CA CYS B 101 -4.91 -31.43 -13.26
C CYS B 101 -3.66 -31.67 -14.10
N PRO B 102 -2.91 -30.62 -14.43
CA PRO B 102 -1.81 -30.77 -15.38
C PRO B 102 -0.61 -31.50 -14.81
N VAL B 103 0.41 -31.70 -15.64
CA VAL B 103 1.66 -32.33 -15.23
C VAL B 103 2.74 -31.25 -15.22
N PHE B 104 3.35 -31.04 -14.06
CA PHE B 104 4.42 -30.06 -13.90
C PHE B 104 5.57 -30.68 -13.14
N ASP B 105 6.74 -30.05 -13.26
CA ASP B 105 7.92 -30.53 -12.56
C ASP B 105 7.72 -30.45 -11.05
N GLY B 106 8.15 -31.49 -10.35
CA GLY B 106 7.91 -31.57 -8.92
C GLY B 106 6.47 -31.86 -8.55
N LEU B 107 5.72 -32.50 -9.45
CA LEU B 107 4.32 -32.81 -9.17
C LEU B 107 4.18 -33.77 -8.00
N PHE B 108 5.06 -34.76 -7.93
CA PHE B 108 4.97 -35.73 -6.84
C PHE B 108 5.46 -35.13 -5.52
N GLU B 109 6.56 -34.38 -5.56
CA GLU B 109 7.07 -33.77 -4.34
C GLU B 109 6.11 -32.73 -3.79
N PHE B 110 5.37 -32.04 -4.66
CA PHE B 110 4.36 -31.09 -4.20
C PHE B 110 3.27 -31.81 -3.40
N CYS B 111 2.85 -32.99 -3.85
CA CYS B 111 1.87 -33.76 -3.10
C CYS B 111 2.43 -34.25 -1.78
N GLN B 112 3.73 -34.51 -1.72
CA GLN B 112 4.34 -34.96 -0.47
C GLN B 112 4.32 -33.87 0.58
N LEU B 113 4.70 -32.64 0.19
CA LEU B 113 4.68 -31.54 1.14
C LEU B 113 3.26 -31.13 1.51
N SER B 114 2.32 -31.23 0.56
CA SER B 114 0.93 -30.91 0.86
C SER B 114 0.36 -31.91 1.85
N THR B 115 0.58 -33.20 1.61
CA THR B 115 0.09 -34.23 2.52
C THR B 115 0.92 -34.33 3.78
N GLY B 116 2.19 -33.94 3.72
CA GLY B 116 3.05 -34.05 4.89
C GLY B 116 2.57 -33.23 6.06
N GLY B 117 2.24 -31.96 5.81
CA GLY B 117 1.73 -31.12 6.87
C GLY B 117 0.40 -31.58 7.42
N SER B 118 -0.40 -32.25 6.60
CA SER B 118 -1.69 -32.76 7.05
C SER B 118 -1.53 -34.02 7.89
N VAL B 119 -0.69 -34.95 7.43
CA VAL B 119 -0.49 -36.18 8.19
C VAL B 119 0.30 -35.89 9.47
N ALA B 120 1.35 -35.08 9.38
CA ALA B 120 2.09 -34.70 10.57
C ALA B 120 1.23 -33.90 11.54
N GLY B 121 0.27 -33.14 11.03
CA GLY B 121 -0.64 -32.42 11.90
C GLY B 121 -1.62 -33.34 12.60
N ALA B 122 -1.85 -34.52 12.02
CA ALA B 122 -2.80 -35.45 12.64
C ALA B 122 -2.12 -36.31 13.69
N VAL B 123 -0.85 -36.68 13.46
CA VAL B 123 -0.13 -37.49 14.44
C VAL B 123 0.17 -36.70 15.71
N LYS B 124 0.21 -35.37 15.63
CA LYS B 124 0.41 -34.57 16.84
C LYS B 124 -0.89 -34.32 17.59
N LEU B 125 -2.03 -34.49 16.94
CA LEU B 125 -3.31 -34.42 17.65
C LEU B 125 -3.62 -35.71 18.37
N ASN B 126 -3.21 -36.85 17.81
CA ASN B 126 -3.34 -38.12 18.52
C ASN B 126 -2.42 -38.15 19.74
N ARG B 127 -1.18 -37.71 19.57
CA ARG B 127 -0.24 -37.65 20.69
C ARG B 127 -0.57 -36.53 21.67
N GLN B 128 -1.58 -35.70 21.37
CA GLN B 128 -2.05 -34.65 22.27
C GLN B 128 -0.94 -33.65 22.61
N GLN B 129 -0.01 -33.45 21.68
CA GLN B 129 1.02 -32.43 21.86
C GLN B 129 0.53 -31.03 21.50
N THR B 130 -0.58 -30.93 20.77
CA THR B 130 -1.14 -29.64 20.40
C THR B 130 -2.65 -29.78 20.26
N ASP B 131 -3.33 -28.64 20.32
CA ASP B 131 -4.78 -28.60 20.19
C ASP B 131 -5.26 -28.25 18.79
N MET B 132 -4.46 -27.49 18.03
CA MET B 132 -4.83 -27.07 16.69
C MET B 132 -3.60 -27.15 15.80
N ALA B 133 -3.69 -27.95 14.74
CA ALA B 133 -2.63 -28.05 13.74
C ALA B 133 -3.11 -27.40 12.44
N VAL B 134 -2.29 -26.52 11.89
CA VAL B 134 -2.63 -25.74 10.71
C VAL B 134 -1.71 -26.14 9.57
N ASN B 135 -2.30 -26.40 8.39
CA ASN B 135 -1.53 -26.72 7.19
C ASN B 135 -2.29 -26.15 6.00
N TRP B 136 -1.97 -24.91 5.64
CA TRP B 136 -2.67 -24.28 4.52
C TRP B 136 -2.32 -24.91 3.18
N ALA B 137 -1.19 -25.63 3.11
CA ALA B 137 -0.84 -26.32 1.87
C ALA B 137 -1.75 -27.51 1.59
N GLY B 138 -2.42 -28.04 2.61
CA GLY B 138 -3.31 -29.18 2.44
C GLY B 138 -4.72 -28.78 2.09
N GLY B 139 -5.65 -29.67 2.43
CA GLY B 139 -7.06 -29.44 2.16
C GLY B 139 -7.51 -29.81 0.77
N LEU B 140 -6.67 -30.50 -0.01
CA LEU B 140 -7.04 -30.89 -1.37
C LEU B 140 -8.11 -31.98 -1.33
N HIS B 141 -9.38 -31.57 -1.37
CA HIS B 141 -10.49 -32.45 -1.05
C HIS B 141 -11.12 -33.13 -2.26
N HIS B 142 -10.60 -32.90 -3.47
CA HIS B 142 -11.23 -33.44 -4.67
C HIS B 142 -10.58 -34.71 -5.18
N ALA B 143 -9.40 -35.06 -4.69
CA ALA B 143 -8.70 -36.25 -5.17
C ALA B 143 -9.47 -37.51 -4.80
N LYS B 144 -9.51 -38.47 -5.71
CA LYS B 144 -10.20 -39.73 -5.52
C LYS B 144 -9.22 -40.81 -5.11
N LYS B 145 -9.69 -42.07 -5.08
CA LYS B 145 -8.82 -43.18 -4.72
C LYS B 145 -7.85 -43.50 -5.85
N SER B 146 -8.35 -43.57 -7.08
CA SER B 146 -7.55 -43.90 -8.24
C SER B 146 -7.73 -42.84 -9.33
N GLU B 147 -7.89 -41.59 -8.93
CA GLU B 147 -8.15 -40.52 -9.88
C GLU B 147 -7.83 -39.17 -9.24
N ALA B 148 -7.23 -38.29 -10.03
CA ALA B 148 -7.02 -36.91 -9.65
C ALA B 148 -8.13 -36.04 -10.21
N SER B 149 -8.65 -35.15 -9.36
CA SER B 149 -9.77 -34.30 -9.77
C SER B 149 -9.67 -32.97 -9.05
N GLY B 150 -10.24 -31.93 -9.69
CA GLY B 150 -10.37 -30.62 -9.09
C GLY B 150 -9.10 -30.02 -8.54
N PHE B 151 -8.03 -30.02 -9.34
CA PHE B 151 -6.71 -29.50 -8.98
C PHE B 151 -6.07 -30.27 -7.84
N CYS B 152 -6.57 -31.45 -7.51
CA CYS B 152 -6.09 -32.23 -6.38
C CYS B 152 -5.62 -33.59 -6.86
N TYR B 153 -4.40 -33.97 -6.47
CA TYR B 153 -3.81 -35.24 -6.86
C TYR B 153 -3.82 -36.26 -5.72
N VAL B 154 -3.32 -35.89 -4.55
CA VAL B 154 -3.31 -36.74 -3.37
C VAL B 154 -4.22 -36.10 -2.33
N ASN B 155 -5.29 -36.82 -1.96
CA ASN B 155 -6.24 -36.32 -0.99
C ASN B 155 -5.65 -36.38 0.41
N ASP B 156 -5.01 -35.28 0.83
CA ASP B 156 -4.39 -35.25 2.15
C ASP B 156 -5.41 -35.32 3.27
N ILE B 157 -6.65 -34.92 3.02
CA ILE B 157 -7.66 -34.93 4.07
C ILE B 157 -8.01 -36.35 4.49
N VAL B 158 -8.22 -37.23 3.51
CA VAL B 158 -8.55 -38.62 3.82
C VAL B 158 -7.42 -39.27 4.61
N LEU B 159 -6.19 -39.09 4.15
CA LEU B 159 -5.04 -39.67 4.84
C LEU B 159 -4.87 -39.10 6.24
N ALA B 160 -5.19 -37.81 6.43
CA ALA B 160 -5.06 -37.21 7.76
C ALA B 160 -6.18 -37.68 8.68
N ILE B 161 -7.39 -37.85 8.14
CA ILE B 161 -8.51 -38.29 8.97
C ILE B 161 -8.33 -39.75 9.37
N LEU B 162 -7.82 -40.57 8.46
CA LEU B 162 -7.52 -41.96 8.81
C LEU B 162 -6.52 -42.05 9.96
N GLU B 163 -5.59 -41.10 10.02
CA GLU B 163 -4.65 -41.09 11.14
C GLU B 163 -5.36 -40.79 12.45
N LEU B 164 -6.27 -39.84 12.46
CA LEU B 164 -7.01 -39.52 13.67
C LEU B 164 -7.96 -40.64 14.06
N LEU B 165 -8.40 -41.46 13.09
CA LEU B 165 -9.25 -42.60 13.41
C LEU B 165 -8.51 -43.66 14.20
N LYS B 166 -7.18 -43.62 14.22
CA LYS B 166 -6.43 -44.56 15.04
C LYS B 166 -6.66 -44.33 16.53
N TYR B 167 -6.96 -43.09 16.92
CA TYR B 167 -7.17 -42.75 18.31
C TYR B 167 -8.55 -42.19 18.62
N HIS B 168 -9.24 -41.62 17.64
CA HIS B 168 -10.53 -40.97 17.86
C HIS B 168 -11.64 -41.84 17.27
N GLN B 169 -12.70 -42.04 18.06
CA GLN B 169 -13.78 -42.91 17.62
C GLN B 169 -14.59 -42.26 16.51
N ARG B 170 -14.85 -40.95 16.61
CA ARG B 170 -15.65 -40.23 15.63
C ARG B 170 -14.92 -38.94 15.24
N VAL B 171 -14.70 -38.77 13.94
CA VAL B 171 -13.98 -37.63 13.39
C VAL B 171 -14.95 -36.83 12.53
N LEU B 172 -15.13 -35.56 12.86
CA LEU B 172 -16.03 -34.67 12.14
C LEU B 172 -15.26 -33.85 11.12
N TYR B 173 -15.76 -33.81 9.89
CA TYR B 173 -15.15 -33.05 8.81
C TYR B 173 -16.09 -31.92 8.40
N ILE B 174 -15.53 -30.72 8.23
CA ILE B 174 -16.28 -29.54 7.84
C ILE B 174 -15.60 -28.91 6.63
N ASP B 175 -16.37 -28.72 5.56
CA ASP B 175 -15.84 -28.24 4.28
C ASP B 175 -16.61 -26.96 3.90
N ILE B 176 -16.01 -25.81 4.15
CA ILE B 176 -16.61 -24.53 3.78
C ILE B 176 -16.07 -24.02 2.45
N ASP B 177 -15.34 -24.86 1.72
CA ASP B 177 -14.95 -24.54 0.35
C ASP B 177 -16.20 -24.42 -0.52
N ILE B 178 -16.19 -23.46 -1.45
CA ILE B 178 -17.34 -23.24 -2.31
C ILE B 178 -17.63 -24.44 -3.21
N HIS B 179 -16.68 -25.36 -3.35
CA HIS B 179 -16.91 -26.61 -4.06
C HIS B 179 -17.15 -27.74 -3.07
N HIS B 180 -18.02 -28.68 -3.46
CA HIS B 180 -18.39 -29.77 -2.59
C HIS B 180 -17.20 -30.71 -2.36
N GLY B 181 -16.94 -31.00 -1.08
CA GLY B 181 -15.87 -31.92 -0.74
C GLY B 181 -16.22 -33.35 -1.10
N ASP B 182 -16.20 -33.66 -2.39
CA ASP B 182 -16.67 -34.96 -2.85
C ASP B 182 -15.66 -36.07 -2.56
N GLY B 183 -14.37 -35.78 -2.72
CA GLY B 183 -13.36 -36.79 -2.47
C GLY B 183 -13.34 -37.26 -1.03
N VAL B 184 -13.52 -36.32 -0.09
CA VAL B 184 -13.56 -36.68 1.32
C VAL B 184 -14.88 -37.38 1.65
N GLU B 185 -15.98 -36.89 1.07
CA GLU B 185 -17.28 -37.50 1.33
C GLU B 185 -17.34 -38.92 0.75
N GLU B 186 -16.75 -39.13 -0.42
CA GLU B 186 -16.80 -40.44 -1.06
C GLU B 186 -16.11 -41.50 -0.23
N ALA B 187 -14.99 -41.15 0.41
CA ALA B 187 -14.23 -42.13 1.18
C ALA B 187 -15.03 -42.63 2.38
N PHE B 188 -15.53 -41.72 3.21
CA PHE B 188 -16.26 -42.08 4.42
C PHE B 188 -17.77 -42.06 4.20
N TYR B 189 -18.22 -42.29 2.96
CA TYR B 189 -19.64 -42.29 2.66
C TYR B 189 -20.38 -43.45 3.30
N THR B 190 -19.67 -44.52 3.64
CA THR B 190 -20.31 -45.74 4.14
C THR B 190 -20.12 -45.96 5.63
N THR B 191 -19.10 -45.36 6.25
CA THR B 191 -18.83 -45.56 7.66
C THR B 191 -19.45 -44.45 8.50
N ASP B 192 -19.79 -44.80 9.74
CA ASP B 192 -20.30 -43.85 10.70
C ASP B 192 -19.21 -43.24 11.57
N ARG B 193 -17.96 -43.67 11.39
CA ARG B 193 -16.87 -43.14 12.19
C ARG B 193 -16.40 -41.77 11.72
N VAL B 194 -16.79 -41.36 10.52
CA VAL B 194 -16.44 -40.04 9.99
C VAL B 194 -17.67 -39.46 9.32
N MET B 195 -18.18 -38.36 9.86
CA MET B 195 -19.29 -37.63 9.26
C MET B 195 -18.75 -36.44 8.49
N THR B 196 -19.17 -36.30 7.24
CA THR B 196 -18.76 -35.19 6.39
C THR B 196 -19.86 -34.14 6.34
N VAL B 197 -19.47 -32.88 6.49
CA VAL B 197 -20.39 -31.74 6.43
C VAL B 197 -19.79 -30.75 5.44
N SER B 198 -20.46 -30.54 4.31
CA SER B 198 -19.95 -29.70 3.23
C SER B 198 -20.94 -28.59 2.93
N PHE B 199 -20.46 -27.35 2.98
CA PHE B 199 -21.22 -26.17 2.58
C PHE B 199 -20.68 -25.71 1.23
N HIS B 200 -21.54 -25.69 0.22
CA HIS B 200 -21.08 -25.42 -1.14
C HIS B 200 -22.23 -24.92 -1.99
N LYS B 201 -21.88 -24.43 -3.17
CA LYS B 201 -22.85 -24.05 -4.18
C LYS B 201 -23.21 -25.27 -5.02
N TYR B 202 -24.50 -25.49 -5.23
CA TYR B 202 -25.00 -26.62 -6.01
C TYR B 202 -25.81 -26.11 -7.19
N GLY B 203 -25.89 -26.94 -8.23
CA GLY B 203 -26.63 -26.59 -9.42
C GLY B 203 -25.75 -26.41 -10.63
N GLU B 204 -25.37 -27.53 -11.27
CA GLU B 204 -24.54 -27.51 -12.47
C GLU B 204 -23.19 -26.84 -12.20
N TYR B 205 -22.74 -26.88 -10.96
CA TYR B 205 -21.46 -26.30 -10.56
C TYR B 205 -20.52 -27.41 -10.11
N PHE B 206 -19.23 -27.17 -10.27
CA PHE B 206 -18.22 -28.18 -9.93
C PHE B 206 -18.29 -28.49 -8.45
N PRO B 207 -18.17 -29.78 -8.05
CA PRO B 207 -17.95 -30.93 -8.93
C PRO B 207 -19.23 -31.61 -9.41
N GLY B 208 -20.39 -30.97 -9.17
CA GLY B 208 -21.66 -31.51 -9.58
C GLY B 208 -22.34 -32.39 -8.56
N THR B 209 -21.62 -32.86 -7.56
CA THR B 209 -22.19 -33.69 -6.51
C THR B 209 -22.55 -32.80 -5.31
N GLY B 210 -22.87 -33.44 -4.20
CA GLY B 210 -23.22 -32.71 -3.00
C GLY B 210 -24.66 -32.29 -2.93
N ASP B 211 -25.57 -33.07 -3.49
CA ASP B 211 -27.00 -32.76 -3.39
C ASP B 211 -27.46 -32.90 -1.95
N LEU B 212 -28.59 -32.25 -1.64
CA LEU B 212 -29.11 -32.27 -0.28
C LEU B 212 -29.52 -33.68 0.13
N ARG B 213 -29.86 -34.54 -0.82
CA ARG B 213 -30.40 -35.86 -0.52
C ARG B 213 -29.32 -36.93 -0.37
N ASP B 214 -28.05 -36.60 -0.57
CA ASP B 214 -26.97 -37.55 -0.33
C ASP B 214 -26.62 -37.51 1.15
N ILE B 215 -26.94 -38.60 1.86
CA ILE B 215 -26.72 -38.67 3.31
C ILE B 215 -25.91 -39.88 3.72
N GLY B 216 -25.45 -40.70 2.78
CA GLY B 216 -24.64 -41.86 3.09
C GLY B 216 -25.37 -43.17 2.84
N ALA B 217 -24.60 -44.25 2.88
CA ALA B 217 -25.12 -45.58 2.68
C ALA B 217 -24.57 -46.52 3.75
N GLY B 218 -25.28 -47.61 3.97
CA GLY B 218 -24.86 -48.57 4.98
C GLY B 218 -24.92 -47.96 6.36
N LYS B 219 -23.87 -48.17 7.16
CA LYS B 219 -23.78 -47.52 8.45
C LYS B 219 -23.59 -46.02 8.32
N GLY B 220 -23.06 -45.56 7.19
CA GLY B 220 -22.86 -44.14 6.93
C GLY B 220 -24.09 -43.38 6.54
N LYS B 221 -25.25 -44.04 6.48
CA LYS B 221 -26.49 -43.35 6.18
C LYS B 221 -26.81 -42.35 7.29
N TYR B 222 -27.20 -41.14 6.88
CA TYR B 222 -27.41 -39.96 7.72
C TYR B 222 -26.12 -39.39 8.27
N TYR B 223 -24.96 -39.95 7.91
CA TYR B 223 -23.66 -39.44 8.35
C TYR B 223 -22.95 -38.66 7.25
N ALA B 224 -23.69 -38.16 6.27
CA ALA B 224 -23.16 -37.28 5.24
C ALA B 224 -24.07 -36.07 5.11
N VAL B 225 -23.54 -34.89 5.42
CA VAL B 225 -24.33 -33.67 5.45
C VAL B 225 -23.90 -32.77 4.32
N ASN B 226 -24.87 -32.18 3.62
CA ASN B 226 -24.61 -31.24 2.55
C ASN B 226 -25.59 -30.09 2.65
N PHE B 227 -25.10 -28.86 2.45
CA PHE B 227 -25.91 -27.65 2.50
C PHE B 227 -25.75 -26.94 1.16
N PRO B 228 -26.60 -27.23 0.18
CA PRO B 228 -26.49 -26.53 -1.10
C PRO B 228 -26.87 -25.06 -0.97
N MET B 229 -26.12 -24.22 -1.65
CA MET B 229 -26.31 -22.78 -1.60
C MET B 229 -26.34 -22.21 -3.01
N ARG B 230 -26.67 -20.92 -3.09
CA ARG B 230 -26.72 -20.23 -4.38
C ARG B 230 -25.68 -19.12 -4.44
N ASP B 231 -25.89 -18.13 -5.28
CA ASP B 231 -24.90 -17.09 -5.53
C ASP B 231 -25.07 -15.92 -4.58
N GLY B 232 -23.95 -15.37 -4.12
CA GLY B 232 -23.96 -14.12 -3.39
C GLY B 232 -24.36 -14.19 -1.94
N ILE B 233 -24.16 -15.34 -1.29
CA ILE B 233 -24.49 -15.44 0.13
C ILE B 233 -23.54 -14.56 0.93
N ASP B 234 -24.09 -13.83 1.90
CA ASP B 234 -23.34 -12.87 2.69
C ASP B 234 -22.97 -13.47 4.05
N ASP B 235 -22.30 -12.66 4.87
CA ASP B 235 -21.82 -13.14 6.16
C ASP B 235 -22.99 -13.47 7.10
N GLU B 236 -23.99 -12.59 7.17
CA GLU B 236 -25.11 -12.82 8.08
C GLU B 236 -25.92 -14.04 7.67
N SER B 237 -26.18 -14.21 6.37
CA SER B 237 -26.92 -15.39 5.93
C SER B 237 -26.11 -16.66 6.11
N TYR B 238 -24.79 -16.59 5.96
CA TYR B 238 -23.94 -17.76 6.14
C TYR B 238 -23.75 -18.07 7.62
N GLY B 239 -23.54 -17.05 8.44
CA GLY B 239 -23.24 -17.29 9.84
C GLY B 239 -24.43 -17.78 10.62
N GLN B 240 -25.62 -17.24 10.34
CA GLN B 240 -26.81 -17.61 11.10
C GLN B 240 -27.29 -19.03 10.81
N ILE B 241 -26.77 -19.67 9.78
CA ILE B 241 -27.07 -21.08 9.52
C ILE B 241 -25.89 -21.99 9.84
N PHE B 242 -24.66 -21.49 9.74
CA PHE B 242 -23.50 -22.33 10.03
C PHE B 242 -23.49 -22.79 11.48
N LYS B 243 -23.64 -21.83 12.42
CA LYS B 243 -23.58 -22.19 13.83
C LYS B 243 -24.67 -23.16 14.25
N PRO B 244 -25.96 -22.92 13.97
CA PRO B 244 -26.97 -23.91 14.38
C PRO B 244 -26.75 -25.28 13.76
N ILE B 245 -26.31 -25.34 12.51
CA ILE B 245 -26.04 -26.63 11.88
C ILE B 245 -24.86 -27.32 12.56
N ILE B 246 -23.78 -26.56 12.83
CA ILE B 246 -22.62 -27.15 13.46
C ILE B 246 -22.89 -27.46 14.93
N SER B 247 -23.69 -26.62 15.60
CA SER B 247 -24.02 -26.90 16.99
C SER B 247 -24.87 -28.16 17.11
N LYS B 248 -25.74 -28.42 16.13
CA LYS B 248 -26.62 -29.58 16.23
C LYS B 248 -25.86 -30.87 15.98
N VAL B 249 -24.92 -30.86 15.05
CA VAL B 249 -24.13 -32.07 14.80
C VAL B 249 -23.15 -32.32 15.95
N MET B 250 -22.62 -31.25 16.55
CA MET B 250 -21.77 -31.42 17.73
C MET B 250 -22.54 -32.09 18.87
N GLU B 251 -23.84 -31.80 18.98
CA GLU B 251 -24.65 -32.43 20.03
C GLU B 251 -25.03 -33.85 19.66
N MET B 252 -25.40 -34.09 18.40
CA MET B 252 -25.88 -35.41 18.00
C MET B 252 -24.73 -36.36 17.70
N TYR B 253 -23.83 -35.96 16.81
CA TYR B 253 -22.74 -36.84 16.39
C TYR B 253 -21.72 -37.03 17.50
N GLN B 254 -21.47 -35.98 18.29
CA GLN B 254 -20.51 -35.99 19.39
C GLN B 254 -19.15 -36.49 18.93
N PRO B 255 -18.42 -35.72 18.12
CA PRO B 255 -17.11 -36.18 17.66
C PRO B 255 -16.03 -35.93 18.70
N SER B 256 -14.94 -36.67 18.56
CA SER B 256 -13.76 -36.50 19.41
C SER B 256 -12.62 -35.81 18.68
N ALA B 257 -12.80 -35.47 17.40
CA ALA B 257 -11.78 -34.78 16.62
C ALA B 257 -12.46 -34.09 15.44
N VAL B 258 -12.00 -32.89 15.12
CA VAL B 258 -12.61 -32.07 14.07
C VAL B 258 -11.53 -31.72 13.06
N VAL B 259 -11.86 -31.86 11.77
CA VAL B 259 -10.99 -31.45 10.67
C VAL B 259 -11.75 -30.41 9.87
N LEU B 260 -11.24 -29.18 9.87
CA LEU B 260 -11.89 -28.06 9.22
C LEU B 260 -11.12 -27.66 7.97
N GLN B 261 -11.80 -27.69 6.83
CA GLN B 261 -11.21 -27.24 5.57
C GLN B 261 -11.62 -25.80 5.33
N CYS B 262 -10.63 -24.91 5.19
CA CYS B 262 -10.91 -23.49 5.06
C CYS B 262 -10.63 -22.99 3.64
N GLY B 263 -11.35 -23.52 2.66
CA GLY B 263 -11.20 -23.07 1.29
C GLY B 263 -11.54 -21.60 1.12
N ALA B 264 -10.65 -20.85 0.47
CA ALA B 264 -10.82 -19.41 0.32
C ALA B 264 -11.54 -19.03 -0.96
N ASP B 265 -11.92 -19.99 -1.80
CA ASP B 265 -12.66 -19.68 -3.01
C ASP B 265 -14.13 -19.39 -2.75
N SER B 266 -14.57 -19.42 -1.49
CA SER B 266 -15.91 -19.00 -1.11
C SER B 266 -15.96 -17.52 -0.71
N LEU B 267 -14.89 -16.78 -0.95
CA LEU B 267 -14.86 -15.35 -0.63
C LEU B 267 -15.47 -14.53 -1.76
N SER B 268 -15.76 -13.27 -1.44
CA SER B 268 -16.33 -12.37 -2.43
C SER B 268 -15.29 -12.01 -3.48
N GLY B 269 -15.66 -12.14 -4.75
CA GLY B 269 -14.77 -11.77 -5.82
C GLY B 269 -13.70 -12.78 -6.15
N ASP B 270 -13.94 -14.06 -5.88
CA ASP B 270 -12.97 -15.09 -6.23
C ASP B 270 -12.94 -15.30 -7.73
N ARG B 271 -11.75 -15.66 -8.24
CA ARG B 271 -11.59 -15.86 -9.68
C ARG B 271 -12.49 -16.98 -10.19
N LEU B 272 -12.73 -18.00 -9.38
CA LEU B 272 -13.58 -19.12 -9.77
C LEU B 272 -14.86 -19.22 -8.96
N GLY B 273 -14.86 -18.78 -7.70
CA GLY B 273 -16.04 -18.84 -6.87
C GLY B 273 -16.94 -17.62 -7.06
N CYS B 274 -18.23 -17.81 -6.77
CA CYS B 274 -19.23 -16.76 -6.94
C CYS B 274 -20.10 -16.65 -5.70
N PHE B 275 -19.46 -16.50 -4.54
CA PHE B 275 -20.14 -16.17 -3.30
C PHE B 275 -19.97 -14.68 -3.02
N ASN B 276 -20.21 -14.27 -1.78
CA ASN B 276 -20.04 -12.87 -1.40
C ASN B 276 -19.78 -12.80 0.10
N LEU B 277 -18.71 -13.46 0.55
CA LEU B 277 -18.30 -13.47 1.94
C LEU B 277 -17.06 -12.62 2.14
N THR B 278 -16.96 -12.00 3.30
CA THR B 278 -15.75 -11.28 3.68
C THR B 278 -14.84 -12.21 4.47
N VAL B 279 -13.67 -11.69 4.84
CA VAL B 279 -12.75 -12.49 5.66
C VAL B 279 -13.32 -12.72 7.05
N LYS B 280 -14.07 -11.75 7.59
CA LYS B 280 -14.63 -11.90 8.92
C LYS B 280 -15.66 -13.02 8.95
N GLY B 281 -16.62 -12.99 8.03
CA GLY B 281 -17.63 -14.03 7.99
C GLY B 281 -17.04 -15.41 7.73
N HIS B 282 -16.08 -15.49 6.82
CA HIS B 282 -15.42 -16.76 6.53
C HIS B 282 -14.67 -17.26 7.76
N ALA B 283 -14.00 -16.37 8.49
CA ALA B 283 -13.23 -16.76 9.67
C ALA B 283 -14.11 -17.06 10.87
N LYS B 284 -15.37 -16.63 10.85
CA LYS B 284 -16.27 -16.94 11.97
C LYS B 284 -16.51 -18.44 12.09
N CYS B 285 -16.39 -19.17 10.98
CA CYS B 285 -16.50 -20.63 11.04
C CYS B 285 -15.43 -21.21 11.95
N VAL B 286 -14.22 -20.65 11.91
CA VAL B 286 -13.16 -21.10 12.80
C VAL B 286 -13.51 -20.77 14.26
N GLU B 287 -14.15 -19.62 14.48
CA GLU B 287 -14.57 -19.26 15.83
C GLU B 287 -15.60 -20.24 16.36
N VAL B 288 -16.55 -20.64 15.53
CA VAL B 288 -17.60 -21.57 15.96
C VAL B 288 -17.01 -22.92 16.33
N VAL B 289 -16.14 -23.45 15.45
CA VAL B 289 -15.55 -24.75 15.71
C VAL B 289 -14.61 -24.71 16.91
N LYS B 290 -13.94 -23.57 17.14
CA LYS B 290 -13.00 -23.48 18.24
C LYS B 290 -13.68 -23.46 19.60
N THR B 291 -14.96 -23.07 19.66
CA THR B 291 -15.65 -22.98 20.95
C THR B 291 -15.89 -24.35 21.57
N PHE B 292 -16.02 -25.40 20.74
CA PHE B 292 -16.22 -26.73 21.28
C PHE B 292 -14.95 -27.33 21.87
N ASN B 293 -13.80 -26.68 21.70
CA ASN B 293 -12.55 -27.05 22.35
C ASN B 293 -12.16 -28.50 22.02
N LEU B 294 -12.42 -28.92 20.80
CA LEU B 294 -12.00 -30.22 20.31
C LEU B 294 -10.70 -30.08 19.52
N PRO B 295 -9.91 -31.15 19.44
CA PRO B 295 -8.71 -31.12 18.60
C PRO B 295 -9.07 -30.80 17.16
N LEU B 296 -8.50 -29.72 16.64
CA LEU B 296 -8.87 -29.17 15.34
C LEU B 296 -7.68 -29.23 14.39
N LEU B 297 -7.97 -29.58 13.13
CA LEU B 297 -6.97 -29.62 12.07
C LEU B 297 -7.44 -28.70 10.95
N MET B 298 -6.84 -27.52 10.86
CA MET B 298 -7.23 -26.53 9.86
C MET B 298 -6.40 -26.71 8.61
N LEU B 299 -7.06 -26.87 7.47
CA LEU B 299 -6.41 -27.12 6.20
C LEU B 299 -6.74 -26.00 5.21
N GLY B 300 -6.05 -26.03 4.07
CA GLY B 300 -6.28 -25.04 3.03
C GLY B 300 -7.30 -25.50 2.01
N GLY B 301 -6.93 -25.48 0.73
CA GLY B 301 -7.84 -25.91 -0.31
C GLY B 301 -8.02 -24.89 -1.41
N GLY B 302 -9.27 -24.57 -1.73
CA GLY B 302 -9.57 -23.64 -2.79
C GLY B 302 -9.13 -22.22 -2.47
N GLY B 303 -9.32 -21.34 -3.46
CA GLY B 303 -8.91 -19.96 -3.35
C GLY B 303 -8.08 -19.54 -4.54
N TYR B 304 -8.59 -18.62 -5.35
CA TYR B 304 -7.94 -18.29 -6.61
C TYR B 304 -7.84 -16.80 -6.90
N THR B 305 -8.25 -15.93 -5.98
CA THR B 305 -7.84 -14.53 -5.97
C THR B 305 -6.78 -14.43 -4.88
N ILE B 306 -5.53 -14.68 -5.26
CA ILE B 306 -4.49 -14.97 -4.28
C ILE B 306 -4.27 -13.82 -3.32
N ARG B 307 -4.58 -12.59 -3.75
CA ARG B 307 -4.41 -11.45 -2.84
C ARG B 307 -5.39 -11.51 -1.68
N ASN B 308 -6.54 -12.15 -1.88
CA ASN B 308 -7.51 -12.35 -0.80
C ASN B 308 -7.26 -13.64 -0.03
N VAL B 309 -6.74 -14.68 -0.70
CA VAL B 309 -6.38 -15.91 -0.01
C VAL B 309 -5.26 -15.67 1.00
N ALA B 310 -4.42 -14.67 0.72
CA ALA B 310 -3.33 -14.35 1.64
C ALA B 310 -3.86 -13.74 2.93
N ARG B 311 -4.72 -12.73 2.83
CA ARG B 311 -5.24 -12.09 4.03
C ARG B 311 -6.34 -12.90 4.71
N CYS B 312 -6.95 -13.86 4.00
CA CYS B 312 -7.95 -14.70 4.64
C CYS B 312 -7.31 -15.68 5.62
N TRP B 313 -6.40 -16.52 5.12
CA TRP B 313 -5.74 -17.51 5.96
C TRP B 313 -4.83 -16.86 6.99
N THR B 314 -4.39 -15.62 6.77
CA THR B 314 -3.62 -14.92 7.80
C THR B 314 -4.50 -14.56 8.99
N TYR B 315 -5.68 -14.01 8.73
CA TYR B 315 -6.60 -13.67 9.82
C TYR B 315 -7.15 -14.92 10.49
N GLU B 316 -7.45 -15.96 9.71
CA GLU B 316 -7.96 -17.19 10.29
C GLU B 316 -6.91 -17.88 11.15
N THR B 317 -5.64 -17.73 10.81
CA THR B 317 -4.59 -18.19 11.70
C THR B 317 -4.57 -17.36 12.98
N ALA B 318 -4.81 -16.05 12.87
CA ALA B 318 -4.89 -15.21 14.05
C ALA B 318 -6.09 -15.57 14.92
N VAL B 319 -7.15 -16.11 14.32
CA VAL B 319 -8.31 -16.53 15.10
C VAL B 319 -7.98 -17.75 15.94
N ALA B 320 -7.27 -18.72 15.36
CA ALA B 320 -6.87 -19.91 16.09
C ALA B 320 -5.91 -19.61 17.23
N LEU B 321 -5.16 -18.52 17.15
CA LEU B 321 -4.24 -18.13 18.21
C LEU B 321 -4.92 -17.29 19.29
N ASP B 322 -6.22 -17.04 19.17
CA ASP B 322 -6.94 -16.18 20.11
C ASP B 322 -6.25 -14.82 20.23
N CYS B 323 -5.73 -14.33 19.11
CA CYS B 323 -4.95 -13.10 19.05
C CYS B 323 -5.31 -12.39 17.75
N GLU B 324 -6.26 -11.46 17.83
CA GLU B 324 -6.66 -10.73 16.63
C GLU B 324 -5.58 -9.73 16.23
N ILE B 325 -5.60 -9.38 14.95
CA ILE B 325 -4.56 -8.54 14.34
C ILE B 325 -5.22 -7.29 13.75
N PRO B 326 -4.51 -6.18 13.63
CA PRO B 326 -5.13 -4.96 13.10
C PRO B 326 -5.37 -5.06 11.61
N ASN B 327 -6.29 -4.20 11.13
CA ASN B 327 -6.64 -4.20 9.72
C ASN B 327 -5.56 -3.57 8.86
N GLU B 328 -4.79 -2.64 9.44
CA GLU B 328 -3.70 -1.99 8.72
C GLU B 328 -2.61 -3.02 8.43
N LEU B 329 -2.45 -3.36 7.15
CA LEU B 329 -1.48 -4.38 6.77
C LEU B 329 -0.07 -3.87 6.98
N PRO B 330 0.80 -4.62 7.64
CA PRO B 330 2.22 -4.26 7.71
C PRO B 330 2.91 -4.57 6.38
N TYR B 331 4.12 -4.03 6.24
CA TYR B 331 4.88 -4.25 5.03
C TYR B 331 5.32 -5.70 4.91
N ASN B 332 5.39 -6.19 3.66
CA ASN B 332 5.83 -7.54 3.39
C ASN B 332 6.38 -7.60 1.97
N ASP B 333 7.00 -8.73 1.63
CA ASP B 333 7.62 -8.88 0.33
C ASP B 333 6.60 -8.91 -0.81
N TYR B 334 5.31 -8.95 -0.50
CA TYR B 334 4.24 -8.94 -1.50
C TYR B 334 3.26 -7.83 -1.21
N PHE B 335 3.78 -6.69 -0.73
CA PHE B 335 2.92 -5.59 -0.29
C PHE B 335 2.13 -4.98 -1.45
N GLU B 336 2.68 -5.01 -2.66
CA GLU B 336 1.99 -4.43 -3.80
C GLU B 336 0.77 -5.25 -4.22
N TYR B 337 0.69 -6.52 -3.81
CA TYR B 337 -0.42 -7.37 -4.21
C TYR B 337 -1.72 -7.00 -3.50
N PHE B 338 -1.64 -6.26 -2.39
CA PHE B 338 -2.80 -5.96 -1.56
C PHE B 338 -3.40 -4.58 -1.87
N GLY B 339 -2.95 -3.92 -2.93
CA GLY B 339 -3.51 -2.64 -3.30
C GLY B 339 -4.91 -2.77 -3.83
N PRO B 340 -5.64 -1.65 -3.93
CA PRO B 340 -5.17 -0.31 -3.55
C PRO B 340 -5.48 0.04 -2.09
N ASP B 341 -6.28 -0.81 -1.43
CA ASP B 341 -6.71 -0.51 -0.06
C ASP B 341 -5.60 -0.81 0.95
N PHE B 342 -4.82 -1.85 0.71
CA PHE B 342 -3.75 -2.28 1.62
C PHE B 342 -4.30 -2.58 3.01
N LYS B 343 -5.50 -3.17 3.06
CA LYS B 343 -6.15 -3.53 4.30
C LYS B 343 -6.29 -5.04 4.40
N LEU B 344 -6.42 -5.52 5.65
CA LEU B 344 -6.53 -6.95 5.88
C LEU B 344 -7.88 -7.49 5.45
N HIS B 345 -8.96 -6.83 5.86
CA HIS B 345 -10.31 -7.29 5.59
C HIS B 345 -10.82 -6.76 4.26
N ILE B 346 -11.65 -7.56 3.60
CA ILE B 346 -12.20 -7.22 2.30
C ILE B 346 -13.65 -6.78 2.46
N SER B 347 -14.13 -6.04 1.47
CA SER B 347 -15.50 -5.53 1.42
C SER B 347 -16.35 -6.37 0.48
N PRO B 348 -17.63 -6.55 0.78
CA PRO B 348 -18.49 -7.36 -0.09
C PRO B 348 -18.82 -6.63 -1.38
N SER B 349 -19.35 -7.39 -2.33
CA SER B 349 -19.73 -6.87 -3.64
C SER B 349 -21.21 -6.51 -3.66
N ASN B 350 -21.63 -5.88 -4.77
CA ASN B 350 -23.00 -5.46 -4.96
C ASN B 350 -23.87 -6.54 -5.59
N MET B 351 -23.41 -7.79 -5.58
CA MET B 351 -24.17 -8.87 -6.19
C MET B 351 -25.35 -9.25 -5.31
N THR B 352 -26.33 -9.90 -5.92
CA THR B 352 -27.56 -10.27 -5.22
C THR B 352 -27.36 -11.55 -4.44
N ASN B 353 -27.91 -11.60 -3.23
CA ASN B 353 -27.90 -12.80 -2.40
C ASN B 353 -29.10 -13.64 -2.80
N GLN B 354 -28.86 -14.63 -3.66
CA GLN B 354 -29.93 -15.49 -4.15
C GLN B 354 -30.38 -16.52 -3.12
N ASN B 355 -29.76 -16.54 -1.93
CA ASN B 355 -30.16 -17.45 -0.86
C ASN B 355 -31.18 -16.72 0.01
N THR B 356 -32.45 -16.87 -0.32
CA THR B 356 -33.50 -16.19 0.41
C THR B 356 -33.63 -16.77 1.82
N PRO B 357 -34.07 -15.96 2.79
CA PRO B 357 -34.19 -16.47 4.17
C PRO B 357 -35.11 -17.65 4.30
N GLU B 358 -36.15 -17.73 3.47
CA GLU B 358 -37.03 -18.89 3.50
C GLU B 358 -36.34 -20.13 2.95
N TYR B 359 -35.51 -19.95 1.92
CA TYR B 359 -34.74 -21.07 1.39
C TYR B 359 -33.76 -21.60 2.42
N MET B 360 -33.07 -20.70 3.12
CA MET B 360 -32.09 -21.12 4.12
C MET B 360 -32.75 -21.90 5.25
N GLU B 361 -33.88 -21.40 5.76
CA GLU B 361 -34.56 -22.07 6.86
C GLU B 361 -35.10 -23.43 6.43
N LYS B 362 -35.65 -23.50 5.21
CA LYS B 362 -36.19 -24.77 4.73
C LYS B 362 -35.09 -25.81 4.59
N ILE B 363 -33.92 -25.41 4.12
CA ILE B 363 -32.83 -26.37 3.94
C ILE B 363 -32.31 -26.85 5.29
N LYS B 364 -32.11 -25.93 6.23
CA LYS B 364 -31.57 -26.34 7.52
C LYS B 364 -32.59 -27.13 8.34
N GLN B 365 -33.88 -26.84 8.17
CA GLN B 365 -34.89 -27.62 8.89
C GLN B 365 -34.94 -29.07 8.38
N ARG B 366 -34.66 -29.27 7.08
CA ARG B 366 -34.59 -30.64 6.57
C ARG B 366 -33.34 -31.35 7.10
N LEU B 367 -32.23 -30.61 7.24
CA LEU B 367 -31.03 -31.22 7.78
C LEU B 367 -31.15 -31.49 9.28
N PHE B 368 -31.91 -30.65 10.00
CA PHE B 368 -32.15 -30.89 11.41
C PHE B 368 -32.88 -32.22 11.63
N GLU B 369 -33.78 -32.58 10.71
CA GLU B 369 -34.47 -33.86 10.83
C GLU B 369 -33.54 -35.03 10.56
N ASN B 370 -32.59 -34.88 9.65
CA ASN B 370 -31.65 -35.96 9.38
C ASN B 370 -30.69 -36.17 10.53
N LEU B 371 -30.39 -35.12 11.29
CA LEU B 371 -29.44 -35.25 12.39
C LEU B 371 -30.04 -35.97 13.59
N ARG B 372 -31.37 -35.96 13.73
CA ARG B 372 -32.02 -36.64 14.84
C ARG B 372 -32.13 -38.15 14.63
N MET B 373 -31.71 -38.67 13.47
CA MET B 373 -31.75 -40.09 13.18
C MET B 373 -30.55 -40.85 13.75
N LEU B 374 -29.80 -40.24 14.66
CA LEU B 374 -28.61 -40.89 15.22
C LEU B 374 -28.90 -41.49 16.59
N LYS C 10 -37.49 15.34 -7.53
CA LYS C 10 -36.40 14.50 -7.05
C LYS C 10 -36.48 14.30 -5.54
N LYS C 11 -36.32 13.05 -5.11
CA LYS C 11 -36.35 12.73 -3.69
C LYS C 11 -35.06 13.18 -3.01
N VAL C 12 -35.18 13.72 -1.81
CA VAL C 12 -34.05 14.20 -1.04
C VAL C 12 -34.10 13.59 0.36
N CYS C 13 -33.01 12.97 0.77
CA CYS C 13 -32.87 12.40 2.11
C CYS C 13 -32.02 13.32 2.98
N TYR C 14 -32.38 13.41 4.26
CA TYR C 14 -31.73 14.30 5.20
C TYR C 14 -31.29 13.51 6.42
N TYR C 15 -30.05 13.75 6.86
CA TYR C 15 -29.47 13.05 8.00
C TYR C 15 -29.01 14.06 9.04
N TYR C 16 -29.50 13.90 10.27
CA TYR C 16 -29.18 14.81 11.36
C TYR C 16 -29.40 14.10 12.68
N ASP C 17 -28.41 14.19 13.57
CA ASP C 17 -28.50 13.61 14.91
C ASP C 17 -28.69 14.71 15.93
N GLY C 18 -29.50 14.45 16.95
CA GLY C 18 -29.82 15.46 17.94
C GLY C 18 -28.67 15.85 18.84
N ASP C 19 -27.57 15.10 18.84
CA ASP C 19 -26.44 15.38 19.72
C ASP C 19 -25.29 16.06 18.99
N ILE C 20 -25.41 16.30 17.69
CA ILE C 20 -24.29 16.84 16.93
C ILE C 20 -24.00 18.30 17.29
N GLY C 21 -24.99 19.01 17.83
CA GLY C 21 -24.81 20.40 18.20
C GLY C 21 -24.28 20.65 19.60
N ASN C 22 -23.86 19.61 20.31
CA ASN C 22 -23.39 19.75 21.68
C ASN C 22 -21.89 19.51 21.84
N TYR C 23 -21.25 18.82 20.89
CA TYR C 23 -19.81 18.59 20.97
C TYR C 23 -19.08 19.91 20.74
N TYR C 24 -18.41 20.41 21.78
CA TYR C 24 -17.73 21.69 21.72
C TYR C 24 -16.23 21.48 21.59
N TYR C 25 -15.62 22.14 20.61
CA TYR C 25 -14.19 21.97 20.36
C TYR C 25 -13.36 22.61 21.46
N GLY C 26 -13.58 23.90 21.72
CA GLY C 26 -12.83 24.59 22.74
C GLY C 26 -13.15 26.06 22.72
N GLN C 27 -12.66 26.75 23.75
CA GLN C 27 -12.90 28.18 23.90
C GLN C 27 -12.16 28.94 22.81
N GLY C 28 -12.91 29.68 22.00
CA GLY C 28 -12.33 30.46 20.93
C GLY C 28 -11.99 29.67 19.68
N HIS C 29 -12.39 28.41 19.59
CA HIS C 29 -12.09 27.61 18.41
C HIS C 29 -13.10 27.94 17.30
N PRO C 30 -12.63 28.12 16.06
CA PRO C 30 -13.55 28.52 14.99
C PRO C 30 -14.54 27.43 14.60
N MET C 31 -14.14 26.16 14.67
CA MET C 31 -15.04 25.06 14.32
C MET C 31 -16.04 24.86 15.45
N LYS C 32 -17.26 25.34 15.25
CA LYS C 32 -18.32 25.23 16.24
C LYS C 32 -19.44 24.37 15.68
N PRO C 33 -19.59 23.10 16.12
CA PRO C 33 -20.64 22.25 15.56
C PRO C 33 -22.06 22.72 15.86
N HIS C 34 -22.19 23.85 16.57
CA HIS C 34 -23.49 24.49 16.71
C HIS C 34 -24.04 24.98 15.38
N ARG C 35 -23.19 25.05 14.35
CA ARG C 35 -23.65 25.40 13.00
C ARG C 35 -24.71 24.42 12.51
N ILE C 36 -24.56 23.13 12.85
CA ILE C 36 -25.44 22.10 12.31
C ILE C 36 -26.82 22.17 12.96
N ARG C 37 -26.91 22.57 14.23
CA ARG C 37 -28.22 22.66 14.86
C ARG C 37 -28.95 23.93 14.41
N MET C 38 -28.22 24.96 13.98
CA MET C 38 -28.86 26.17 13.47
C MET C 38 -29.46 25.94 12.09
N THR C 39 -28.75 25.21 11.23
CA THR C 39 -29.30 24.89 9.91
C THR C 39 -30.51 23.98 10.02
N HIS C 40 -30.46 22.99 10.91
CA HIS C 40 -31.58 22.07 11.08
C HIS C 40 -32.82 22.79 11.59
N ASN C 41 -32.65 23.68 12.57
CA ASN C 41 -33.80 24.39 13.13
C ASN C 41 -34.39 25.36 12.12
N LEU C 42 -33.55 26.05 11.35
CA LEU C 42 -34.04 26.97 10.34
C LEU C 42 -34.66 26.24 9.16
N LEU C 43 -34.30 24.97 8.94
CA LEU C 43 -34.91 24.21 7.84
C LEU C 43 -36.33 23.78 8.18
N LEU C 44 -36.57 23.39 9.43
CA LEU C 44 -37.90 22.93 9.82
C LEU C 44 -38.91 24.08 9.81
N ASN C 45 -38.47 25.30 10.08
CA ASN C 45 -39.36 26.44 10.15
C ASN C 45 -39.62 27.08 8.79
N TYR C 46 -38.84 26.74 7.77
CA TYR C 46 -39.06 27.24 6.42
C TYR C 46 -40.05 26.40 5.64
N GLY C 47 -40.59 25.34 6.22
CA GLY C 47 -41.53 24.48 5.53
C GLY C 47 -40.91 23.44 4.64
N LEU C 48 -39.59 23.23 4.73
CA LEU C 48 -38.91 22.25 3.90
C LEU C 48 -38.86 20.87 4.54
N TYR C 49 -39.31 20.73 5.79
CA TYR C 49 -39.28 19.42 6.45
C TYR C 49 -40.33 18.48 5.87
N ARG C 50 -41.40 19.02 5.29
CA ARG C 50 -42.50 18.21 4.80
C ARG C 50 -42.26 17.66 3.40
N LYS C 51 -41.10 17.93 2.80
CA LYS C 51 -40.81 17.45 1.46
C LYS C 51 -39.55 16.59 1.37
N MET C 52 -38.86 16.35 2.49
CA MET C 52 -37.70 15.50 2.52
C MET C 52 -37.73 14.64 3.78
N GLU C 53 -37.24 13.41 3.65
CA GLU C 53 -37.19 12.50 4.78
C GLU C 53 -35.99 12.82 5.66
N ILE C 54 -36.21 12.82 6.96
CA ILE C 54 -35.17 13.13 7.94
C ILE C 54 -34.87 11.85 8.73
N TYR C 55 -33.70 11.26 8.48
CA TYR C 55 -33.27 10.05 9.16
C TYR C 55 -32.27 10.39 10.26
N ARG C 56 -32.18 9.51 11.26
CA ARG C 56 -31.18 9.63 12.30
C ARG C 56 -29.95 8.83 11.90
N PRO C 57 -28.79 9.45 11.75
CA PRO C 57 -27.60 8.71 11.30
C PRO C 57 -27.13 7.72 12.35
N HIS C 58 -26.94 6.48 11.94
CA HIS C 58 -26.42 5.47 12.84
C HIS C 58 -24.96 5.75 13.15
N LYS C 59 -24.60 5.68 14.43
CA LYS C 59 -23.22 5.95 14.85
C LYS C 59 -22.27 4.96 14.21
N ALA C 60 -21.39 5.45 13.33
CA ALA C 60 -20.49 4.59 12.59
C ALA C 60 -19.50 3.90 13.52
N THR C 61 -19.30 2.61 13.29
CA THR C 61 -18.40 1.82 14.11
C THR C 61 -16.95 2.13 13.78
N ALA C 62 -16.05 1.71 14.68
CA ALA C 62 -14.62 1.90 14.43
C ALA C 62 -14.09 0.95 13.37
N GLU C 63 -14.70 -0.24 13.25
CA GLU C 63 -14.28 -1.19 12.22
C GLU C 63 -14.62 -0.68 10.83
N GLU C 64 -15.63 0.17 10.70
CA GLU C 64 -15.98 0.73 9.41
C GLU C 64 -15.11 1.93 9.06
N MET C 65 -14.66 2.68 10.06
CA MET C 65 -13.74 3.80 9.79
C MET C 65 -12.39 3.30 9.29
N THR C 66 -11.99 2.09 9.69
CA THR C 66 -10.70 1.54 9.30
C THR C 66 -10.69 1.02 7.86
N LYS C 67 -11.77 1.23 7.10
CA LYS C 67 -11.75 0.91 5.68
C LYS C 67 -10.82 1.83 4.90
N TYR C 68 -10.50 2.99 5.44
CA TYR C 68 -9.57 3.93 4.84
C TYR C 68 -8.50 4.41 5.82
N HIS C 69 -8.86 4.69 7.07
CA HIS C 69 -7.90 5.12 8.07
C HIS C 69 -7.10 3.93 8.59
N SER C 70 -6.20 4.20 9.54
CA SER C 70 -5.35 3.18 10.13
C SER C 70 -5.85 2.81 11.52
N ASP C 71 -5.47 1.61 11.96
CA ASP C 71 -5.87 1.14 13.28
C ASP C 71 -5.13 1.90 14.39
N GLU C 72 -3.89 2.30 14.14
CA GLU C 72 -3.15 3.07 15.13
C GLU C 72 -3.78 4.45 15.34
N TYR C 73 -4.41 5.01 14.32
CA TYR C 73 -5.02 6.34 14.42
C TYR C 73 -6.45 6.29 14.94
N ILE C 74 -7.26 5.35 14.44
CA ILE C 74 -8.64 5.25 14.90
C ILE C 74 -8.70 4.83 16.37
N LYS C 75 -7.88 3.87 16.76
CA LYS C 75 -7.82 3.45 18.15
C LYS C 75 -7.28 4.56 19.05
N PHE C 76 -6.48 5.48 18.49
CA PHE C 76 -6.01 6.61 19.28
C PHE C 76 -7.14 7.61 19.54
N LEU C 77 -8.02 7.80 18.55
CA LEU C 77 -9.14 8.71 18.73
C LEU C 77 -10.17 8.18 19.73
N ARG C 78 -10.13 6.89 20.04
CA ARG C 78 -11.08 6.31 20.98
C ARG C 78 -10.68 6.58 22.42
N SER C 79 -9.42 6.34 22.76
CA SER C 79 -8.96 6.48 24.14
C SER C 79 -8.10 7.71 24.33
N ILE C 80 -8.60 8.88 23.89
CA ILE C 80 -7.92 10.15 24.09
C ILE C 80 -8.88 11.08 24.82
N ARG C 81 -8.42 11.64 25.93
CA ARG C 81 -9.22 12.53 26.76
C ARG C 81 -8.32 13.68 27.23
N PRO C 82 -8.91 14.82 27.56
CA PRO C 82 -8.08 15.96 28.04
C PRO C 82 -7.34 15.67 29.33
N ASP C 83 -7.74 14.65 30.08
CA ASP C 83 -7.06 14.32 31.33
C ASP C 83 -5.82 13.47 31.13
N ASN C 84 -5.73 12.73 30.03
CA ASN C 84 -4.59 11.86 29.74
C ASN C 84 -3.90 12.27 28.45
N MET C 85 -3.84 13.58 28.18
CA MET C 85 -3.13 14.06 27.01
C MET C 85 -1.62 13.99 27.18
N SER C 86 -1.13 13.86 28.42
CA SER C 86 0.30 13.76 28.65
C SER C 86 0.82 12.34 28.44
N GLU C 87 0.01 11.32 28.75
CA GLU C 87 0.39 9.94 28.51
C GLU C 87 0.16 9.51 27.07
N TYR C 88 -0.27 10.43 26.20
CA TYR C 88 -0.41 10.16 24.77
C TYR C 88 0.26 11.24 23.93
N SER C 89 1.22 11.97 24.51
CA SER C 89 1.82 13.10 23.82
C SER C 89 2.64 12.65 22.61
N LYS C 90 3.32 11.51 22.71
CA LYS C 90 4.10 11.01 21.58
C LYS C 90 3.18 10.65 20.41
N GLN C 91 2.01 10.09 20.71
CA GLN C 91 1.07 9.74 19.65
C GLN C 91 0.29 10.94 19.11
N MET C 92 0.18 12.02 19.90
CA MET C 92 -0.48 13.22 19.38
C MET C 92 0.31 13.83 18.23
N GLN C 93 1.64 13.90 18.36
CA GLN C 93 2.46 14.38 17.26
C GLN C 93 2.45 13.38 16.09
N ARG C 94 2.27 12.09 16.39
CA ARG C 94 2.21 11.08 15.34
C ARG C 94 1.02 11.30 14.43
N PHE C 95 -0.13 11.66 14.99
CA PHE C 95 -1.37 11.82 14.23
C PHE C 95 -1.84 13.27 14.13
N ASN C 96 -1.01 14.22 14.56
CA ASN C 96 -1.30 15.65 14.43
C ASN C 96 -2.59 16.05 15.15
N VAL C 97 -2.87 15.41 16.28
CA VAL C 97 -4.04 15.75 17.10
C VAL C 97 -3.52 16.58 18.26
N GLY C 98 -3.46 17.89 18.06
CA GLY C 98 -2.91 18.76 19.08
C GLY C 98 -3.58 20.12 19.19
N GLU C 99 -3.00 21.13 18.55
CA GLU C 99 -3.48 22.50 18.71
C GLU C 99 -4.69 22.78 17.81
N ASP C 100 -4.47 22.82 16.50
CA ASP C 100 -5.56 23.11 15.57
C ASP C 100 -6.52 21.93 15.40
N CYS C 101 -6.18 20.76 15.92
CA CYS C 101 -7.10 19.62 15.98
C CYS C 101 -7.24 19.21 17.45
N PRO C 102 -7.98 19.99 18.24
CA PRO C 102 -7.96 19.81 19.69
C PRO C 102 -8.68 18.53 20.10
N VAL C 103 -8.43 18.15 21.36
CA VAL C 103 -9.09 17.00 21.98
C VAL C 103 -10.19 17.53 22.89
N PHE C 104 -11.40 17.00 22.72
CA PHE C 104 -12.55 17.44 23.49
C PHE C 104 -13.38 16.22 23.89
N ASP C 105 -14.34 16.45 24.79
CA ASP C 105 -15.21 15.38 25.24
C ASP C 105 -16.10 14.92 24.10
N GLY C 106 -16.13 13.62 23.86
CA GLY C 106 -16.90 13.07 22.76
C GLY C 106 -16.26 13.27 21.41
N LEU C 107 -14.93 13.17 21.34
CA LEU C 107 -14.24 13.37 20.06
C LEU C 107 -14.57 12.25 19.08
N PHE C 108 -14.54 11.00 19.54
CA PHE C 108 -14.81 9.89 18.63
C PHE C 108 -16.29 9.81 18.28
N GLU C 109 -17.17 10.07 19.26
CA GLU C 109 -18.60 10.05 18.98
C GLU C 109 -18.99 11.15 17.99
N PHE C 110 -18.24 12.25 17.97
CA PHE C 110 -18.51 13.29 16.97
C PHE C 110 -18.22 12.78 15.56
N CYS C 111 -17.15 11.99 15.41
CA CYS C 111 -16.83 11.37 14.14
C CYS C 111 -17.79 10.24 13.77
N GLN C 112 -18.42 9.60 14.76
CA GLN C 112 -19.39 8.56 14.46
C GLN C 112 -20.66 9.16 13.87
N LEU C 113 -21.06 10.34 14.36
CA LEU C 113 -22.23 11.01 13.80
C LEU C 113 -21.91 11.76 12.51
N SER C 114 -20.68 12.28 12.39
CA SER C 114 -20.28 12.97 11.17
C SER C 114 -20.18 12.00 10.00
N THR C 115 -19.50 10.87 10.20
CA THR C 115 -19.41 9.85 9.17
C THR C 115 -20.69 9.03 9.06
N GLY C 116 -21.42 8.87 10.16
CA GLY C 116 -22.65 8.11 10.12
C GLY C 116 -23.70 8.70 9.21
N GLY C 117 -23.71 10.03 9.08
CA GLY C 117 -24.61 10.67 8.15
C GLY C 117 -24.18 10.63 6.71
N SER C 118 -22.87 10.50 6.45
CA SER C 118 -22.36 10.42 5.10
C SER C 118 -22.25 8.98 4.60
N VAL C 119 -21.98 8.02 5.49
CA VAL C 119 -21.94 6.62 5.08
C VAL C 119 -23.34 6.09 4.85
N ALA C 120 -24.28 6.43 5.74
CA ALA C 120 -25.67 5.99 5.55
C ALA C 120 -26.33 6.71 4.37
N GLY C 121 -25.87 7.91 4.05
CA GLY C 121 -26.38 8.61 2.88
C GLY C 121 -25.89 8.06 1.55
N ALA C 122 -24.86 7.21 1.58
CA ALA C 122 -24.34 6.60 0.36
C ALA C 122 -24.95 5.25 0.06
N VAL C 123 -25.26 4.46 1.09
CA VAL C 123 -25.87 3.15 0.87
C VAL C 123 -27.31 3.32 0.39
N LYS C 124 -27.99 4.38 0.81
CA LYS C 124 -29.34 4.66 0.31
C LYS C 124 -29.32 5.24 -1.09
N LEU C 125 -28.20 5.83 -1.52
CA LEU C 125 -28.04 6.17 -2.93
C LEU C 125 -27.64 4.97 -3.76
N ASN C 126 -27.02 3.95 -3.14
CA ASN C 126 -26.67 2.74 -3.87
C ASN C 126 -27.90 1.88 -4.14
N ARG C 127 -28.76 1.71 -3.13
CA ARG C 127 -29.99 0.95 -3.28
C ARG C 127 -31.05 1.69 -4.08
N GLN C 128 -30.75 2.87 -4.61
CA GLN C 128 -31.66 3.65 -5.45
C GLN C 128 -32.95 4.00 -4.71
N GLN C 129 -32.89 4.07 -3.38
CA GLN C 129 -34.03 4.49 -2.59
C GLN C 129 -34.21 6.00 -2.56
N THR C 130 -33.33 6.75 -3.22
CA THR C 130 -33.41 8.20 -3.25
C THR C 130 -32.56 8.71 -4.40
N ASP C 131 -32.81 9.96 -4.77
CA ASP C 131 -32.02 10.64 -5.80
C ASP C 131 -30.94 11.54 -5.22
N MET C 132 -31.18 12.14 -4.06
CA MET C 132 -30.23 13.02 -3.40
C MET C 132 -30.23 12.74 -1.91
N ALA C 133 -29.06 12.83 -1.30
CA ALA C 133 -28.91 12.62 0.15
C ALA C 133 -28.10 13.78 0.72
N VAL C 134 -28.63 14.40 1.77
CA VAL C 134 -28.04 15.59 2.37
C VAL C 134 -27.60 15.27 3.79
N ASN C 135 -26.36 15.63 4.12
CA ASN C 135 -25.82 15.43 5.47
C ASN C 135 -24.86 16.59 5.75
N TRP C 136 -25.33 17.58 6.52
CA TRP C 136 -24.49 18.72 6.86
C TRP C 136 -23.54 18.42 8.01
N ALA C 137 -23.79 17.36 8.77
CA ALA C 137 -22.90 17.04 9.89
C ALA C 137 -21.52 16.65 9.42
N GLY C 138 -21.41 16.00 8.27
CA GLY C 138 -20.13 15.58 7.74
C GLY C 138 -19.38 16.70 7.03
N GLY C 139 -18.78 16.37 5.89
CA GLY C 139 -18.04 17.33 5.09
C GLY C 139 -16.58 17.46 5.44
N LEU C 140 -16.10 16.76 6.46
CA LEU C 140 -14.68 16.83 6.82
C LEU C 140 -13.83 16.23 5.70
N HIS C 141 -13.00 17.06 5.08
CA HIS C 141 -12.24 16.67 3.90
C HIS C 141 -10.73 16.82 4.04
N HIS C 142 -10.24 17.23 5.20
CA HIS C 142 -8.80 17.36 5.40
C HIS C 142 -8.18 16.18 6.15
N ALA C 143 -9.00 15.24 6.62
CA ALA C 143 -8.47 14.10 7.36
C ALA C 143 -7.83 13.09 6.39
N LYS C 144 -6.65 12.62 6.73
CA LYS C 144 -5.92 11.67 5.91
C LYS C 144 -6.04 10.26 6.52
N LYS C 145 -5.19 9.34 6.07
CA LYS C 145 -5.29 7.97 6.53
C LYS C 145 -4.81 7.82 7.97
N SER C 146 -3.90 8.68 8.42
CA SER C 146 -3.39 8.60 9.79
C SER C 146 -2.94 9.95 10.32
N GLU C 147 -3.52 11.04 9.80
CA GLU C 147 -3.18 12.39 10.24
C GLU C 147 -4.45 13.21 10.33
N ALA C 148 -4.62 13.90 11.46
CA ALA C 148 -5.73 14.82 11.65
C ALA C 148 -5.27 16.23 11.27
N SER C 149 -5.91 16.81 10.27
CA SER C 149 -5.54 18.13 9.77
C SER C 149 -6.79 18.94 9.50
N GLY C 150 -6.64 20.27 9.61
CA GLY C 150 -7.70 21.21 9.28
C GLY C 150 -9.04 20.92 9.92
N PHE C 151 -9.06 20.83 11.25
CA PHE C 151 -10.27 20.61 12.05
C PHE C 151 -10.95 19.28 11.74
N CYS C 152 -10.34 18.44 10.91
CA CYS C 152 -10.92 17.17 10.50
C CYS C 152 -10.20 16.02 11.20
N TYR C 153 -10.97 15.07 11.72
CA TYR C 153 -10.42 13.89 12.37
C TYR C 153 -10.64 12.62 11.56
N VAL C 154 -11.88 12.34 11.17
CA VAL C 154 -12.20 11.19 10.33
C VAL C 154 -12.86 11.70 9.07
N ASN C 155 -12.29 11.37 7.91
CA ASN C 155 -12.80 11.84 6.63
C ASN C 155 -14.06 11.07 6.28
N ASP C 156 -15.21 11.75 6.37
CA ASP C 156 -16.48 11.12 6.03
C ASP C 156 -16.67 10.98 4.53
N ILE C 157 -16.02 11.85 3.74
CA ILE C 157 -16.22 11.82 2.29
C ILE C 157 -15.60 10.57 1.69
N VAL C 158 -14.36 10.26 2.07
CA VAL C 158 -13.69 9.09 1.50
C VAL C 158 -14.40 7.81 1.89
N LEU C 159 -14.84 7.71 3.16
CA LEU C 159 -15.61 6.55 3.58
C LEU C 159 -16.95 6.46 2.87
N ALA C 160 -17.52 7.61 2.48
CA ALA C 160 -18.77 7.61 1.73
C ALA C 160 -18.55 7.30 0.26
N ILE C 161 -17.43 7.75 -0.31
CA ILE C 161 -17.14 7.44 -1.71
C ILE C 161 -16.77 5.98 -1.87
N LEU C 162 -16.06 5.41 -0.88
CA LEU C 162 -15.77 3.98 -0.91
C LEU C 162 -17.05 3.15 -0.90
N GLU C 163 -18.09 3.62 -0.20
CA GLU C 163 -19.37 2.94 -0.24
C GLU C 163 -20.05 3.13 -1.60
N LEU C 164 -19.85 4.27 -2.24
CA LEU C 164 -20.44 4.52 -3.56
C LEU C 164 -19.72 3.78 -4.68
N LEU C 165 -18.47 3.38 -4.47
CA LEU C 165 -17.73 2.64 -5.48
C LEU C 165 -18.14 1.18 -5.59
N LYS C 166 -18.98 0.69 -4.67
CA LYS C 166 -19.46 -0.69 -4.76
C LYS C 166 -20.40 -0.86 -5.94
N TYR C 167 -21.24 0.13 -6.21
CA TYR C 167 -22.22 0.08 -7.29
C TYR C 167 -21.82 0.93 -8.50
N HIS C 168 -21.21 2.09 -8.26
CA HIS C 168 -20.86 3.02 -9.34
C HIS C 168 -19.39 2.81 -9.74
N GLN C 169 -19.14 2.86 -11.04
CA GLN C 169 -17.79 2.70 -11.56
C GLN C 169 -17.02 4.01 -11.60
N ARG C 170 -17.70 5.15 -11.68
CA ARG C 170 -17.05 6.45 -11.70
C ARG C 170 -17.82 7.40 -10.80
N VAL C 171 -17.12 8.03 -9.86
CA VAL C 171 -17.70 8.99 -8.91
C VAL C 171 -16.94 10.30 -9.05
N LEU C 172 -17.69 11.41 -9.10
CA LEU C 172 -17.12 12.74 -9.19
C LEU C 172 -17.23 13.44 -7.85
N TYR C 173 -16.15 14.09 -7.42
CA TYR C 173 -16.10 14.81 -6.16
C TYR C 173 -15.79 16.27 -6.43
N ILE C 174 -16.69 17.16 -6.00
CA ILE C 174 -16.51 18.61 -6.14
C ILE C 174 -16.30 19.20 -4.75
N ASP C 175 -15.34 20.11 -4.63
CA ASP C 175 -14.97 20.71 -3.36
C ASP C 175 -14.94 22.22 -3.54
N ILE C 176 -16.00 22.90 -3.08
CA ILE C 176 -16.10 24.34 -3.26
C ILE C 176 -15.67 25.05 -1.98
N ASP C 177 -15.14 24.28 -1.04
CA ASP C 177 -14.59 24.84 0.18
C ASP C 177 -13.38 25.70 -0.17
N ILE C 178 -13.21 26.79 0.58
CA ILE C 178 -12.14 27.73 0.27
C ILE C 178 -10.77 27.12 0.50
N HIS C 179 -10.69 26.03 1.27
CA HIS C 179 -9.45 25.28 1.43
C HIS C 179 -9.44 24.10 0.48
N HIS C 180 -8.23 23.70 0.09
CA HIS C 180 -8.09 22.60 -0.86
C HIS C 180 -8.45 21.28 -0.20
N GLY C 181 -9.27 20.48 -0.88
CA GLY C 181 -9.63 19.17 -0.39
C GLY C 181 -8.50 18.18 -0.57
N ASP C 182 -7.45 18.31 0.25
CA ASP C 182 -6.28 17.45 0.08
C ASP C 182 -6.56 16.03 0.55
N GLY C 183 -7.32 15.88 1.63
CA GLY C 183 -7.58 14.56 2.17
C GLY C 183 -8.38 13.67 1.24
N VAL C 184 -9.21 14.25 0.39
CA VAL C 184 -10.04 13.46 -0.52
C VAL C 184 -9.30 13.17 -1.82
N GLU C 185 -8.56 14.13 -2.37
CA GLU C 185 -7.82 13.88 -3.60
C GLU C 185 -6.59 13.00 -3.36
N GLU C 186 -6.03 13.05 -2.15
CA GLU C 186 -4.92 12.15 -1.82
C GLU C 186 -5.38 10.71 -1.73
N ALA C 187 -6.64 10.49 -1.33
CA ALA C 187 -7.17 9.13 -1.25
C ALA C 187 -7.31 8.51 -2.63
N PHE C 188 -7.85 9.27 -3.59
CA PHE C 188 -8.08 8.75 -4.93
C PHE C 188 -7.19 9.46 -5.95
N TYR C 189 -5.91 9.62 -5.61
CA TYR C 189 -4.96 10.29 -6.49
C TYR C 189 -4.43 9.39 -7.59
N THR C 190 -4.55 8.06 -7.42
CA THR C 190 -3.95 7.11 -8.35
C THR C 190 -5.00 6.21 -9.01
N THR C 191 -6.27 6.59 -8.97
CA THR C 191 -7.33 5.82 -9.59
C THR C 191 -8.21 6.73 -10.43
N ASP C 192 -8.70 6.20 -11.56
CA ASP C 192 -9.59 6.93 -12.45
C ASP C 192 -11.05 6.77 -12.09
N ARG C 193 -11.37 5.93 -11.10
CA ARG C 193 -12.75 5.72 -10.68
C ARG C 193 -13.31 6.88 -9.86
N VAL C 194 -12.46 7.77 -9.35
CA VAL C 194 -12.90 8.91 -8.57
C VAL C 194 -12.09 10.13 -9.02
N MET C 195 -12.77 11.10 -9.63
CA MET C 195 -12.15 12.36 -10.01
C MET C 195 -12.45 13.41 -8.95
N THR C 196 -11.42 14.18 -8.58
CA THR C 196 -11.52 15.19 -7.54
C THR C 196 -11.33 16.57 -8.16
N VAL C 197 -12.31 17.45 -7.97
CA VAL C 197 -12.26 18.83 -8.42
C VAL C 197 -12.38 19.73 -7.21
N SER C 198 -11.43 20.66 -7.06
CA SER C 198 -11.36 21.51 -5.87
C SER C 198 -11.09 22.95 -6.28
N PHE C 199 -11.98 23.86 -5.88
CA PHE C 199 -11.80 25.29 -6.06
C PHE C 199 -11.42 25.88 -4.70
N HIS C 200 -10.18 26.36 -4.58
CA HIS C 200 -9.64 26.75 -3.28
C HIS C 200 -8.78 28.00 -3.44
N LYS C 201 -8.20 28.43 -2.33
CA LYS C 201 -7.29 29.57 -2.30
C LYS C 201 -5.87 29.06 -2.16
N TYR C 202 -4.99 29.50 -3.06
CA TYR C 202 -3.60 29.06 -3.10
C TYR C 202 -2.70 30.27 -2.92
N GLY C 203 -1.71 30.15 -2.03
CA GLY C 203 -0.79 31.24 -1.76
C GLY C 203 -0.67 31.55 -0.28
N GLU C 204 0.28 30.87 0.38
CA GLU C 204 0.53 31.04 1.81
C GLU C 204 -0.73 30.80 2.65
N TYR C 205 -1.64 29.97 2.14
CA TYR C 205 -2.90 29.69 2.80
C TYR C 205 -3.04 28.18 3.01
N PHE C 206 -3.84 27.83 4.02
CA PHE C 206 -4.03 26.42 4.34
C PHE C 206 -4.77 25.71 3.19
N PRO C 207 -4.37 24.46 2.86
CA PRO C 207 -3.28 23.72 3.49
C PRO C 207 -1.94 23.90 2.80
N GLY C 208 -1.92 24.69 1.72
CA GLY C 208 -0.72 24.88 0.93
C GLY C 208 -0.57 23.93 -0.24
N THR C 209 -1.51 23.02 -0.44
CA THR C 209 -1.51 22.10 -1.56
C THR C 209 -2.57 22.52 -2.57
N GLY C 210 -2.68 21.74 -3.64
CA GLY C 210 -3.66 22.02 -4.68
C GLY C 210 -3.14 22.93 -5.78
N ASP C 211 -1.88 22.76 -6.15
CA ASP C 211 -1.31 23.54 -7.24
C ASP C 211 -1.88 23.06 -8.58
N LEU C 212 -1.78 23.93 -9.59
CA LEU C 212 -2.29 23.59 -10.92
C LEU C 212 -1.57 22.39 -11.53
N ARG C 213 -0.34 22.11 -11.11
CA ARG C 213 0.44 21.02 -11.67
C ARG C 213 0.14 19.67 -11.03
N ASP C 214 -0.84 19.60 -10.12
CA ASP C 214 -1.24 18.35 -9.48
C ASP C 214 -2.44 17.80 -10.25
N ILE C 215 -2.16 16.92 -11.21
CA ILE C 215 -3.21 16.35 -12.06
C ILE C 215 -3.54 14.91 -11.69
N GLY C 216 -2.64 14.20 -11.01
CA GLY C 216 -2.85 12.80 -10.69
C GLY C 216 -1.64 11.95 -11.01
N ALA C 217 -1.57 10.76 -10.45
CA ALA C 217 -0.45 9.87 -10.62
C ALA C 217 -0.91 8.53 -11.17
N GLY C 218 -0.16 7.99 -12.12
CA GLY C 218 -0.42 6.64 -12.57
C GLY C 218 -1.75 6.58 -13.30
N LYS C 219 -2.64 5.71 -12.82
CA LYS C 219 -3.93 5.52 -13.45
C LYS C 219 -4.83 6.75 -13.30
N GLY C 220 -4.69 7.48 -12.20
CA GLY C 220 -5.50 8.67 -11.96
C GLY C 220 -4.89 9.92 -12.55
N LYS C 221 -4.02 9.75 -13.54
CA LYS C 221 -3.41 10.90 -14.21
C LYS C 221 -4.47 11.70 -14.96
N TYR C 222 -4.46 13.02 -14.75
CA TYR C 222 -5.45 13.96 -15.26
C TYR C 222 -6.83 13.77 -14.63
N TYR C 223 -6.95 12.91 -13.61
CA TYR C 223 -8.20 12.69 -12.89
C TYR C 223 -8.23 13.43 -11.56
N ALA C 224 -7.50 14.55 -11.45
CA ALA C 224 -7.50 15.37 -10.24
C ALA C 224 -7.33 16.82 -10.68
N VAL C 225 -8.42 17.57 -10.65
CA VAL C 225 -8.46 18.94 -11.15
C VAL C 225 -8.39 19.90 -9.98
N ASN C 226 -7.53 20.92 -10.09
CA ASN C 226 -7.37 21.93 -9.05
C ASN C 226 -7.40 23.31 -9.67
N PHE C 227 -8.17 24.22 -9.07
CA PHE C 227 -8.25 25.60 -9.55
C PHE C 227 -7.79 26.54 -8.45
N PRO C 228 -6.55 27.03 -8.50
CA PRO C 228 -6.09 27.97 -7.48
C PRO C 228 -6.62 29.37 -7.72
N MET C 229 -7.04 30.04 -6.64
CA MET C 229 -7.63 31.38 -6.71
C MET C 229 -7.03 32.25 -5.62
N ARG C 230 -7.00 33.56 -5.88
CA ARG C 230 -6.55 34.54 -4.91
C ARG C 230 -7.76 35.15 -4.20
N ASP C 231 -7.51 36.12 -3.33
CA ASP C 231 -8.52 36.59 -2.42
C ASP C 231 -9.61 37.37 -3.16
N GLY C 232 -10.77 37.45 -2.54
CA GLY C 232 -11.87 38.27 -3.04
C GLY C 232 -12.36 37.88 -4.42
N ILE C 233 -13.20 36.85 -4.49
CA ILE C 233 -13.81 36.45 -5.75
C ILE C 233 -15.31 36.68 -5.64
N ASP C 234 -15.89 37.26 -6.67
CA ASP C 234 -17.31 37.60 -6.63
C ASP C 234 -18.14 36.44 -7.16
N ASP C 235 -19.45 36.52 -6.95
CA ASP C 235 -20.34 35.47 -7.44
C ASP C 235 -20.38 35.46 -8.96
N GLU C 236 -20.15 36.62 -9.59
CA GLU C 236 -20.17 36.69 -11.06
C GLU C 236 -18.98 35.94 -11.65
N SER C 237 -17.79 36.07 -11.04
CA SER C 237 -16.61 35.40 -11.57
C SER C 237 -16.54 33.94 -11.15
N TYR C 238 -17.14 33.58 -10.01
CA TYR C 238 -17.11 32.20 -9.57
C TYR C 238 -17.92 31.30 -10.50
N GLY C 239 -19.20 31.65 -10.72
CA GLY C 239 -20.01 30.92 -11.68
C GLY C 239 -19.53 31.06 -13.11
N GLN C 240 -18.77 32.12 -13.42
CA GLN C 240 -18.20 32.28 -14.75
C GLN C 240 -17.21 31.16 -15.06
N ILE C 241 -16.56 30.62 -14.03
CA ILE C 241 -15.57 29.56 -14.20
C ILE C 241 -16.09 28.21 -13.73
N PHE C 242 -16.90 28.21 -12.66
CA PHE C 242 -17.38 26.95 -12.10
C PHE C 242 -18.23 26.16 -13.10
N LYS C 243 -19.10 26.84 -13.84
CA LYS C 243 -20.00 26.13 -14.74
C LYS C 243 -19.28 25.54 -15.94
N PRO C 244 -18.44 26.28 -16.69
CA PRO C 244 -17.80 25.67 -17.87
C PRO C 244 -16.91 24.48 -17.55
N ILE C 245 -16.26 24.49 -16.39
CA ILE C 245 -15.33 23.41 -16.06
C ILE C 245 -16.09 22.12 -15.79
N ILE C 246 -17.12 22.17 -14.94
CA ILE C 246 -17.85 20.96 -14.58
C ILE C 246 -18.66 20.45 -15.76
N SER C 247 -19.25 21.36 -16.55
CA SER C 247 -19.93 20.94 -17.76
C SER C 247 -18.97 20.27 -18.73
N LYS C 248 -17.69 20.62 -18.67
CA LYS C 248 -16.67 19.90 -19.43
C LYS C 248 -16.27 18.60 -18.75
N VAL C 249 -16.31 18.56 -17.41
CA VAL C 249 -16.00 17.34 -16.68
C VAL C 249 -17.06 16.28 -16.94
N MET C 250 -18.33 16.66 -16.82
CA MET C 250 -19.42 15.70 -17.01
C MET C 250 -19.41 15.10 -18.40
N GLU C 251 -18.93 15.84 -19.40
CA GLU C 251 -18.88 15.33 -20.76
C GLU C 251 -17.75 14.33 -20.95
N MET C 252 -16.56 14.65 -20.44
CA MET C 252 -15.41 13.78 -20.63
C MET C 252 -15.40 12.62 -19.63
N TYR C 253 -15.67 12.92 -18.36
CA TYR C 253 -15.58 11.90 -17.32
C TYR C 253 -16.81 11.00 -17.30
N GLN C 254 -18.01 11.60 -17.30
CA GLN C 254 -19.28 10.89 -17.26
C GLN C 254 -19.34 9.98 -16.03
N PRO C 255 -19.65 10.51 -14.86
CA PRO C 255 -19.72 9.67 -13.66
C PRO C 255 -21.09 9.05 -13.45
N SER C 256 -21.22 8.21 -12.44
CA SER C 256 -22.50 7.64 -12.03
C SER C 256 -22.99 8.18 -10.70
N ALA C 257 -22.17 8.94 -9.98
CA ALA C 257 -22.57 9.54 -8.72
C ALA C 257 -21.65 10.72 -8.44
N VAL C 258 -22.21 11.77 -7.84
CA VAL C 258 -21.48 13.00 -7.57
C VAL C 258 -21.60 13.32 -6.09
N VAL C 259 -20.48 13.62 -5.45
CA VAL C 259 -20.44 14.06 -4.05
C VAL C 259 -20.00 15.52 -4.05
N LEU C 260 -20.89 16.41 -3.64
CA LEU C 260 -20.63 17.85 -3.63
C LEU C 260 -20.42 18.30 -2.19
N GLN C 261 -19.18 18.69 -1.88
CA GLN C 261 -18.83 19.23 -0.56
C GLN C 261 -19.10 20.73 -0.59
N CYS C 262 -20.07 21.18 0.21
CA CYS C 262 -20.52 22.58 0.20
C CYS C 262 -19.90 23.30 1.38
N GLY C 263 -18.61 23.61 1.27
CA GLY C 263 -17.91 24.36 2.30
C GLY C 263 -18.38 25.80 2.36
N ALA C 264 -19.08 26.16 3.44
CA ALA C 264 -19.64 27.50 3.59
C ALA C 264 -18.62 28.53 4.01
N ASP C 265 -17.33 28.18 4.08
CA ASP C 265 -16.29 29.14 4.42
C ASP C 265 -15.83 29.96 3.22
N SER C 266 -16.25 29.60 2.01
CA SER C 266 -15.96 30.38 0.82
C SER C 266 -16.89 31.57 0.64
N LEU C 267 -17.76 31.84 1.63
CA LEU C 267 -18.65 32.99 1.59
C LEU C 267 -17.90 34.26 1.97
N SER C 268 -18.60 35.38 1.91
CA SER C 268 -18.02 36.67 2.26
C SER C 268 -18.14 36.91 3.75
N GLY C 269 -17.12 37.53 4.33
CA GLY C 269 -17.14 37.86 5.75
C GLY C 269 -16.99 36.68 6.68
N ASP C 270 -16.11 35.74 6.34
CA ASP C 270 -15.84 34.59 7.19
C ASP C 270 -14.55 34.81 7.96
N ARG C 271 -14.53 34.33 9.21
CA ARG C 271 -13.37 34.53 10.07
C ARG C 271 -12.13 33.84 9.52
N LEU C 272 -12.32 32.74 8.79
CA LEU C 272 -11.20 32.02 8.19
C LEU C 272 -11.09 32.23 6.69
N GLY C 273 -12.21 32.48 6.00
CA GLY C 273 -12.18 32.66 4.57
C GLY C 273 -11.84 34.08 4.14
N CYS C 274 -11.32 34.18 2.91
CA CYS C 274 -10.99 35.47 2.33
C CYS C 274 -11.66 35.67 0.97
N PHE C 275 -12.67 34.86 0.65
CA PHE C 275 -13.43 35.02 -0.60
C PHE C 275 -14.48 36.10 -0.40
N ASN C 276 -15.36 36.27 -1.39
CA ASN C 276 -16.40 37.29 -1.35
C ASN C 276 -17.63 36.77 -2.10
N LEU C 277 -18.21 35.69 -1.59
CA LEU C 277 -19.39 35.08 -2.19
C LEU C 277 -20.60 35.25 -1.28
N THR C 278 -21.78 35.30 -1.90
CA THR C 278 -23.04 35.35 -1.19
C THR C 278 -23.71 33.98 -1.23
N VAL C 279 -24.72 33.81 -0.37
CA VAL C 279 -25.41 32.53 -0.28
C VAL C 279 -26.19 32.22 -1.55
N LYS C 280 -26.50 33.24 -2.37
CA LYS C 280 -27.19 32.98 -3.63
C LYS C 280 -26.21 32.60 -4.74
N GLY C 281 -25.04 33.23 -4.77
CA GLY C 281 -24.02 32.82 -5.72
C GLY C 281 -23.34 31.53 -5.31
N HIS C 282 -23.32 31.24 -4.01
CA HIS C 282 -22.75 29.97 -3.54
C HIS C 282 -23.69 28.80 -3.87
N ALA C 283 -24.99 29.02 -3.74
CA ALA C 283 -25.97 27.98 -4.06
C ALA C 283 -26.14 27.75 -5.55
N LYS C 284 -25.63 28.65 -6.39
CA LYS C 284 -25.67 28.41 -7.83
C LYS C 284 -24.86 27.18 -8.21
N CYS C 285 -23.80 26.88 -7.45
CA CYS C 285 -23.04 25.66 -7.67
C CYS C 285 -23.87 24.41 -7.40
N VAL C 286 -24.86 24.50 -6.51
CA VAL C 286 -25.73 23.36 -6.25
C VAL C 286 -26.62 23.09 -7.46
N GLU C 287 -27.05 24.16 -8.16
CA GLU C 287 -27.86 23.97 -9.35
C GLU C 287 -27.03 23.45 -10.52
N VAL C 288 -25.76 23.87 -10.61
CA VAL C 288 -24.90 23.40 -11.69
C VAL C 288 -24.68 21.90 -11.57
N VAL C 289 -24.57 21.39 -10.34
CA VAL C 289 -24.41 19.96 -10.16
C VAL C 289 -25.75 19.23 -10.30
N LYS C 290 -26.85 19.89 -9.95
CA LYS C 290 -28.16 19.24 -10.01
C LYS C 290 -28.71 19.15 -11.43
N THR C 291 -28.29 20.06 -12.32
CA THR C 291 -28.84 20.07 -13.68
C THR C 291 -28.54 18.79 -14.45
N PHE C 292 -27.58 17.99 -14.00
CA PHE C 292 -27.28 16.72 -14.64
C PHE C 292 -28.12 15.57 -14.09
N ASN C 293 -28.79 15.77 -12.96
CA ASN C 293 -29.75 14.79 -12.41
C ASN C 293 -29.07 13.44 -12.15
N LEU C 294 -27.88 13.47 -11.57
CA LEU C 294 -27.17 12.27 -11.16
C LEU C 294 -27.33 12.03 -9.67
N PRO C 295 -27.12 10.78 -9.20
CA PRO C 295 -27.16 10.52 -7.75
C PRO C 295 -26.22 11.43 -6.99
N LEU C 296 -26.78 12.41 -6.28
CA LEU C 296 -26.02 13.46 -5.63
C LEU C 296 -25.95 13.22 -4.13
N LEU C 297 -24.79 13.53 -3.55
CA LEU C 297 -24.57 13.43 -2.10
C LEU C 297 -24.01 14.76 -1.62
N MET C 298 -24.89 15.61 -1.08
CA MET C 298 -24.48 16.92 -0.57
C MET C 298 -23.99 16.79 0.87
N LEU C 299 -22.78 17.27 1.13
CA LEU C 299 -22.18 17.23 2.46
C LEU C 299 -21.73 18.63 2.85
N GLY C 300 -21.62 18.85 4.16
CA GLY C 300 -21.22 20.14 4.68
C GLY C 300 -19.72 20.39 4.58
N GLY C 301 -19.10 20.79 5.69
CA GLY C 301 -17.67 21.01 5.69
C GLY C 301 -17.25 22.28 6.39
N GLY C 302 -16.86 23.30 5.60
CA GLY C 302 -16.40 24.54 6.19
C GLY C 302 -17.55 25.36 6.74
N GLY C 303 -17.42 25.79 7.98
CA GLY C 303 -18.45 26.58 8.64
C GLY C 303 -17.95 27.22 9.92
N TYR C 304 -17.65 28.51 9.87
CA TYR C 304 -16.98 29.18 10.98
C TYR C 304 -17.70 30.46 11.38
N THR C 305 -18.39 31.10 10.44
CA THR C 305 -19.33 32.16 10.74
C THR C 305 -20.73 31.56 10.66
N ILE C 306 -21.15 30.94 11.77
CA ILE C 306 -22.37 30.16 11.82
C ILE C 306 -23.61 30.96 11.47
N ARG C 307 -23.50 32.28 11.34
CA ARG C 307 -24.61 33.09 10.87
C ARG C 307 -24.90 32.82 9.40
N ASN C 308 -23.87 32.96 8.55
CA ASN C 308 -24.05 32.72 7.13
C ASN C 308 -24.16 31.24 6.82
N VAL C 309 -23.47 30.39 7.60
CA VAL C 309 -23.55 28.95 7.38
C VAL C 309 -24.98 28.46 7.63
N ALA C 310 -25.66 29.05 8.61
CA ALA C 310 -27.06 28.73 8.82
C ALA C 310 -27.94 29.23 7.68
N ARG C 311 -27.53 30.32 7.04
CA ARG C 311 -28.28 30.83 5.89
C ARG C 311 -27.88 30.12 4.60
N CYS C 312 -26.66 29.58 4.53
CA CYS C 312 -26.20 28.93 3.31
C CYS C 312 -26.75 27.51 3.20
N TRP C 313 -26.55 26.69 4.24
CA TRP C 313 -27.01 25.31 4.19
C TRP C 313 -28.53 25.20 4.23
N THR C 314 -29.23 26.25 4.68
CA THR C 314 -30.68 26.23 4.64
C THR C 314 -31.21 26.57 3.26
N TYR C 315 -30.63 27.57 2.60
CA TYR C 315 -31.04 27.94 1.26
C TYR C 315 -30.58 26.94 0.20
N GLU C 316 -29.41 26.32 0.40
CA GLU C 316 -28.95 25.31 -0.54
C GLU C 316 -29.82 24.06 -0.49
N THR C 317 -30.35 23.73 0.70
CA THR C 317 -31.31 22.63 0.78
C THR C 317 -32.58 22.96 0.03
N ALA C 318 -33.03 24.22 0.09
CA ALA C 318 -34.17 24.65 -0.70
C ALA C 318 -33.86 24.57 -2.20
N VAL C 319 -32.65 24.95 -2.58
CA VAL C 319 -32.22 24.79 -3.97
C VAL C 319 -32.20 23.31 -4.35
N ALA C 320 -31.78 22.46 -3.42
CA ALA C 320 -31.77 21.02 -3.68
C ALA C 320 -33.18 20.45 -3.78
N LEU C 321 -34.13 21.05 -3.07
CA LEU C 321 -35.52 20.58 -3.05
C LEU C 321 -36.39 21.19 -4.14
N ASP C 322 -35.81 22.05 -5.00
CA ASP C 322 -36.57 22.79 -5.99
C ASP C 322 -37.68 23.61 -5.34
N CYS C 323 -37.41 24.13 -4.15
CA CYS C 323 -38.34 24.94 -3.38
C CYS C 323 -37.77 26.33 -3.19
N GLU C 324 -38.59 27.34 -3.46
CA GLU C 324 -38.20 28.74 -3.29
C GLU C 324 -38.67 29.23 -1.92
N ILE C 325 -37.74 29.70 -1.11
CA ILE C 325 -38.05 30.17 0.24
C ILE C 325 -37.82 31.67 0.31
N PRO C 326 -38.65 32.41 1.04
CA PRO C 326 -38.51 33.88 1.06
C PRO C 326 -37.26 34.32 1.80
N ASN C 327 -36.86 35.57 1.51
CA ASN C 327 -35.72 36.15 2.20
C ASN C 327 -36.03 36.46 3.66
N GLU C 328 -37.28 36.78 3.97
CA GLU C 328 -37.68 37.07 5.33
C GLU C 328 -37.67 35.78 6.15
N LEU C 329 -36.91 35.79 7.24
CA LEU C 329 -36.71 34.58 8.03
C LEU C 329 -37.95 34.30 8.89
N PRO C 330 -38.47 33.09 8.87
CA PRO C 330 -39.47 32.70 9.88
C PRO C 330 -38.80 32.56 11.24
N TYR C 331 -39.62 32.45 12.28
CA TYR C 331 -39.11 32.38 13.63
C TYR C 331 -38.34 31.09 13.85
N ASN C 332 -37.10 31.22 14.31
CA ASN C 332 -36.27 30.09 14.72
C ASN C 332 -35.76 30.34 16.12
N ASP C 333 -35.26 29.27 16.76
CA ASP C 333 -34.79 29.37 18.13
C ASP C 333 -33.54 30.23 18.25
N TYR C 334 -32.83 30.47 17.15
CA TYR C 334 -31.60 31.26 17.16
C TYR C 334 -31.77 32.43 16.19
N PHE C 335 -32.54 33.43 16.60
CA PHE C 335 -32.83 34.58 15.75
C PHE C 335 -31.84 35.72 15.95
N GLU C 336 -31.01 35.67 16.99
CA GLU C 336 -30.05 36.75 17.22
C GLU C 336 -28.90 36.70 16.23
N TYR C 337 -28.56 35.51 15.75
CA TYR C 337 -27.41 35.34 14.85
C TYR C 337 -27.65 35.94 13.47
N PHE C 338 -28.85 36.46 13.17
CA PHE C 338 -29.15 37.00 11.86
C PHE C 338 -29.49 38.48 11.88
N GLY C 339 -29.38 39.15 13.02
CA GLY C 339 -29.67 40.56 13.11
C GLY C 339 -28.63 41.41 12.41
N PRO C 340 -28.88 42.72 12.34
CA PRO C 340 -30.10 43.36 12.84
C PRO C 340 -31.21 43.41 11.80
N ASP C 341 -30.96 42.89 10.60
CA ASP C 341 -31.94 42.91 9.53
C ASP C 341 -32.79 41.64 9.46
N PHE C 342 -32.27 40.52 9.96
CA PHE C 342 -33.00 39.24 9.99
C PHE C 342 -33.42 38.81 8.58
N LYS C 343 -32.41 38.64 7.72
CA LYS C 343 -32.62 38.23 6.35
C LYS C 343 -31.92 36.90 6.08
N LEU C 344 -32.19 36.32 4.92
CA LEU C 344 -31.61 35.04 4.52
C LEU C 344 -30.42 35.18 3.58
N HIS C 345 -30.40 36.22 2.76
CA HIS C 345 -29.29 36.45 1.84
C HIS C 345 -28.37 37.52 2.39
N ILE C 346 -27.17 37.61 1.80
CA ILE C 346 -26.15 38.56 2.22
C ILE C 346 -25.69 39.35 1.00
N SER C 347 -24.97 40.44 1.28
CA SER C 347 -24.44 41.32 0.24
C SER C 347 -22.92 41.29 0.28
N PRO C 348 -22.26 41.34 -0.87
CA PRO C 348 -20.79 41.30 -0.90
C PRO C 348 -20.19 42.54 -0.27
N SER C 349 -18.90 42.43 0.05
CA SER C 349 -18.16 43.51 0.71
C SER C 349 -17.45 44.35 -0.34
N ASN C 350 -16.53 45.21 0.11
CA ASN C 350 -15.72 46.05 -0.76
C ASN C 350 -14.34 45.46 -0.99
N MET C 351 -14.25 44.14 -1.10
CA MET C 351 -12.97 43.46 -1.21
C MET C 351 -12.45 43.55 -2.64
N THR C 352 -11.13 43.70 -2.77
CA THR C 352 -10.49 43.79 -4.08
C THR C 352 -10.42 42.41 -4.73
N ASN C 353 -10.90 42.32 -5.97
CA ASN C 353 -10.90 41.06 -6.72
C ASN C 353 -9.47 40.81 -7.20
N GLN C 354 -8.70 40.08 -6.39
CA GLN C 354 -7.32 39.78 -6.74
C GLN C 354 -7.21 38.85 -7.94
N ASN C 355 -8.25 38.08 -8.24
CA ASN C 355 -8.27 37.19 -9.40
C ASN C 355 -8.49 38.03 -10.65
N THR C 356 -7.39 38.40 -11.31
CA THR C 356 -7.49 39.20 -12.51
C THR C 356 -8.11 38.38 -13.64
N PRO C 357 -8.85 39.02 -14.55
CA PRO C 357 -9.44 38.27 -15.68
C PRO C 357 -8.40 37.57 -16.55
N GLU C 358 -7.17 38.09 -16.58
CA GLU C 358 -6.09 37.39 -17.27
C GLU C 358 -5.72 36.10 -16.54
N TYR C 359 -5.65 36.15 -15.20
CA TYR C 359 -5.31 34.97 -14.43
C TYR C 359 -6.39 33.90 -14.55
N MET C 360 -7.66 34.29 -14.37
CA MET C 360 -8.75 33.33 -14.44
C MET C 360 -8.95 32.77 -15.84
N GLU C 361 -8.42 33.44 -16.87
CA GLU C 361 -8.60 32.96 -18.24
C GLU C 361 -7.60 31.86 -18.58
N LYS C 362 -6.34 32.01 -18.15
CA LYS C 362 -5.31 31.04 -18.51
C LYS C 362 -5.40 29.76 -17.68
N ILE C 363 -5.84 29.87 -16.43
CA ILE C 363 -5.93 28.67 -15.59
C ILE C 363 -6.97 27.70 -16.14
N LYS C 364 -8.14 28.21 -16.55
CA LYS C 364 -9.17 27.36 -17.12
C LYS C 364 -8.86 26.95 -18.57
N GLN C 365 -7.90 27.60 -19.22
CA GLN C 365 -7.48 27.15 -20.55
C GLN C 365 -6.61 25.91 -20.45
N ARG C 366 -5.76 25.83 -19.43
CA ARG C 366 -4.92 24.65 -19.24
C ARG C 366 -5.69 23.51 -18.58
N LEU C 367 -6.67 23.82 -17.73
CA LEU C 367 -7.48 22.77 -17.14
C LEU C 367 -8.38 22.11 -18.18
N PHE C 368 -8.83 22.86 -19.18
CA PHE C 368 -9.60 22.25 -20.27
C PHE C 368 -8.72 21.33 -21.13
N GLU C 369 -7.43 21.65 -21.24
CA GLU C 369 -6.51 20.73 -21.93
C GLU C 369 -6.25 19.49 -21.11
N ASN C 370 -6.22 19.61 -19.78
CA ASN C 370 -6.04 18.44 -18.93
C ASN C 370 -7.29 17.57 -18.90
N LEU C 371 -8.47 18.17 -19.09
CA LEU C 371 -9.71 17.39 -19.14
C LEU C 371 -9.90 16.67 -20.46
N ARG C 372 -9.22 17.12 -21.52
CA ARG C 372 -9.27 16.46 -22.82
C ARG C 372 -8.28 15.30 -22.92
N MET C 373 -7.58 14.97 -21.83
CA MET C 373 -6.64 13.86 -21.80
C MET C 373 -7.29 12.57 -21.32
N LEU C 374 -8.60 12.55 -21.12
CA LEU C 374 -9.29 11.36 -20.63
C LEU C 374 -9.62 10.42 -21.79
N U2M D 1 26.10 -8.99 -4.84
CA U2M D 1 25.74 -8.25 -5.79
C U2M D 1 25.64 -8.82 -6.98
O U2M D 1 24.79 -8.49 -7.73
CB U2M D 1 26.76 -7.12 -5.89
CG U2M D 1 26.04 -5.77 -5.97
CD U2M D 1 26.82 -4.74 -5.17
CE U2M D 1 26.15 -3.37 -5.33
CZ U2M D 1 27.19 -2.27 -5.22
SH U2M D 1 26.54 -0.84 -5.43
N ASN D 2 26.54 -9.75 -7.27
CA ASN D 2 26.54 -10.43 -8.55
C ASN D 2 25.69 -11.69 -8.49
N HYP D 3 24.66 -11.74 -9.35
CA HYP D 3 23.82 -12.79 -9.38
C HYP D 3 24.37 -13.88 -10.27
O HYP D 3 23.91 -15.04 -10.21
CB HYP D 3 22.35 -12.28 -9.89
CG HYP D 3 22.53 -11.16 -10.58
CD HYP D 3 23.91 -10.57 -10.06
OD1 HYP D 3 21.45 -10.22 -10.30
N LYS D 4 25.34 -13.52 -11.12
CA LYS D 4 26.03 -14.50 -11.96
C LYS D 4 26.72 -15.55 -11.11
N GLN D 5 27.26 -15.13 -9.97
CA GLN D 5 28.01 -16.00 -9.10
C GLN D 5 28.06 -15.46 -7.67
N DLY D 6 27.70 -16.30 -6.71
CA DLY D 6 27.79 -15.94 -5.31
C DLY D 6 26.41 -15.60 -4.74
O DLY D 6 25.37 -16.10 -5.25
CB DLY D 6 28.35 -17.15 -4.56
CG DLY D 6 29.81 -17.38 -4.93
CD DLY D 6 30.18 -18.83 -4.59
CE DLY D 6 31.61 -18.91 -4.08
NZ DLY D 6 31.95 -20.29 -3.76
N TRP D 7 26.38 -14.78 -3.70
CA TRP D 7 25.12 -14.45 -3.02
C TRP D 7 24.95 -12.94 -2.90
N GLY D 8 25.94 -12.19 -3.36
CA GLY D 8 25.94 -10.75 -3.21
C GLY D 8 25.36 -9.99 -4.38
N U2M E 1 -13.78 -27.32 -13.10
CA U2M E 1 -13.52 -26.36 -12.31
C U2M E 1 -13.33 -25.17 -12.83
O U2M E 1 -13.89 -24.22 -12.38
CB U2M E 1 -12.26 -26.74 -11.53
CG U2M E 1 -12.19 -25.95 -10.23
CD U2M E 1 -11.91 -26.89 -9.06
CE U2M E 1 -11.96 -26.10 -7.75
CZ U2M E 1 -11.18 -26.84 -6.66
SH U2M E 1 -11.23 -26.08 -5.26
N ASN E 2 -12.50 -25.09 -13.86
CA ASN E 2 -12.26 -23.83 -14.55
C ASN E 2 -13.17 -23.75 -15.77
N HYP E 3 -14.20 -22.90 -15.68
CA HYP E 3 -15.10 -22.77 -16.68
C HYP E 3 -14.52 -22.05 -17.88
O HYP E 3 -15.09 -22.10 -18.99
CB HYP E 3 -16.40 -21.96 -16.09
CG HYP E 3 -15.90 -21.11 -15.20
CD HYP E 3 -14.63 -21.86 -14.60
OD1 HYP E 3 -16.89 -20.85 -14.15
N LYS E 4 -13.39 -21.37 -17.67
CA LYS E 4 -12.71 -20.66 -18.74
C LYS E 4 -12.16 -21.64 -19.78
N GLN E 5 -11.96 -22.89 -19.37
CA GLN E 5 -11.44 -23.91 -20.27
C GLN E 5 -12.03 -25.30 -20.01
N DLY E 6 -11.18 -26.21 -19.56
CA DLY E 6 -11.49 -27.63 -19.45
C DLY E 6 -12.67 -27.98 -18.51
O DLY E 6 -12.45 -28.18 -17.30
CB DLY E 6 -11.79 -28.20 -20.84
N TRP E 7 -13.87 -28.03 -19.08
CA TRP E 7 -15.04 -28.62 -18.42
C TRP E 7 -15.33 -28.12 -17.00
N GLY E 8 -14.73 -28.79 -16.02
CA GLY E 8 -15.11 -28.64 -14.62
C GLY E 8 -14.82 -27.33 -13.92
N U2M F 1 -4.76 26.19 9.68
CA U2M F 1 -5.83 26.72 9.34
C U2M F 1 -6.09 27.90 9.87
O U2M F 1 -6.27 28.85 9.17
CB U2M F 1 -6.97 25.78 9.75
CG U2M F 1 -8.16 25.99 8.81
CD U2M F 1 -8.55 24.65 8.20
CE U2M F 1 -9.89 24.78 7.50
CZ U2M F 1 -10.56 23.41 7.47
SH U2M F 1 -11.85 23.40 6.52
N ASN F 2 -6.12 27.97 11.19
CA ASN F 2 -6.38 29.22 11.89
C ASN F 2 -5.11 30.08 11.87
N HYP F 3 -5.15 31.17 11.11
CA HYP F 3 -4.09 31.95 10.91
C HYP F 3 -3.59 32.61 12.18
O HYP F 3 -2.38 32.91 12.31
CB HYP F 3 -4.46 33.11 9.78
CG HYP F 3 -5.73 32.93 9.43
CD HYP F 3 -6.37 31.94 10.49
OD1 HYP F 3 -5.81 32.35 8.09
N LYS F 4 -4.51 32.84 13.11
CA LYS F 4 -4.15 33.45 14.39
C LYS F 4 -3.39 32.49 15.28
N GLN F 5 -3.66 31.19 15.12
CA GLN F 5 -3.11 30.19 16.03
C GLN F 5 -2.07 29.28 15.37
N DLY F 6 -0.84 29.76 15.31
CA DLY F 6 0.31 28.96 14.88
C DLY F 6 0.12 28.25 13.55
O DLY F 6 -0.15 27.02 13.52
CB DLY F 6 1.54 29.86 14.80
N TRP F 7 0.27 29.00 12.44
CA TRP F 7 0.13 28.46 11.10
C TRP F 7 -1.18 27.71 10.91
N GLY F 8 -1.18 26.72 10.02
CA GLY F 8 -2.36 25.89 9.79
C GLY F 8 -3.57 26.67 9.30
ZN ZN G . 24.42 -0.68 -6.39
NA NA H . 19.66 3.64 -2.55
NA NA I . 21.04 7.98 11.07
C1 PGE J . 31.68 -2.78 -27.42
O1 PGE J . 32.53 -2.36 -26.39
C2 PGE J . 30.25 -2.36 -27.09
O2 PGE J . 29.45 -2.48 -28.24
C3 PGE J . 28.19 -1.89 -28.11
C4 PGE J . 27.17 -2.94 -27.69
O4 PGE J . 23.83 -4.01 -29.44
C6 PGE J . 24.26 -2.82 -28.84
C5 PGE J . 24.85 -3.11 -27.46
O3 PGE J . 25.99 -2.33 -27.28
C1 PGE K . 49.96 -2.27 -9.67
O1 PGE K . 51.02 -3.08 -9.26
C2 PGE K . 49.55 -2.64 -11.09
O2 PGE K . 48.29 -2.11 -11.37
C3 PGE K . 48.27 -0.72 -11.50
C4 PGE K . 46.88 -0.24 -11.91
O4 PGE K . 49.12 3.70 -11.31
C6 PGE K . 48.58 2.80 -12.24
C5 PGE K . 47.45 2.01 -11.57
O3 PGE K . 46.97 1.04 -12.46
ZN ZN L . -13.13 -25.06 -4.25
NA NA M . -17.75 -27.43 0.22
NA NA N . -20.18 -40.58 6.33
O1 PG4 O . 9.53 -23.89 -10.70
C1 PG4 O . 9.25 -25.22 -10.37
C2 PG4 O . 10.36 -25.77 -9.47
O2 PG4 O . 9.90 -26.92 -8.82
C3 PG4 O . 10.81 -27.49 -7.92
C4 PG4 O . 11.19 -26.48 -6.84
O3 PG4 O . 11.69 -27.13 -5.71
C5 PG4 O . 12.54 -28.21 -5.99
C6 PG4 O . 13.74 -28.17 -5.05
O4 PG4 O . 14.58 -29.26 -5.33
C7 PG4 O . 15.12 -29.24 -6.63
C8 PG4 O . 15.53 -30.66 -7.04
O5 PG4 O . 15.66 -30.72 -8.44
C1 PGE P . -4.90 -5.58 -8.55
O1 PGE P . -5.26 -5.44 -7.20
C2 PGE P . -3.99 -6.79 -8.72
O2 PGE P . -2.85 -6.65 -7.93
C3 PGE P . -2.07 -5.52 -8.23
C4 PGE P . -0.60 -5.83 -8.04
O4 PGE P . 1.79 -9.51 -9.81
C6 PGE P . 0.64 -8.71 -9.84
C5 PGE P . 0.74 -7.60 -8.79
O3 PGE P . -0.13 -6.56 -9.13
ZN ZN Q . -12.27 25.19 4.75
NA NA R . -11.61 23.51 -2.31
C1 PGE S . -8.55 3.88 -1.89
O1 PGE S . -9.14 5.11 -2.16
C2 PGE S . -8.29 3.15 -3.20
O2 PGE S . -9.51 2.88 -3.83
C3 PGE S . -9.46 2.91 -5.22
C4 PGE S . -10.81 2.50 -5.79
O4 PGE S . -11.03 -1.63 -5.75
C6 PGE S . -10.40 -0.96 -6.80
C5 PGE S . -10.96 0.46 -6.95
O3 PGE S . -10.96 1.11 -5.71
#